data_2WV6
#
_entry.id   2WV6
#
_cell.length_a   131.050
_cell.length_b   100.940
_cell.length_c   83.270
_cell.angle_alpha   90.00
_cell.angle_beta   122.24
_cell.angle_gamma   90.00
#
_symmetry.space_group_name_H-M   'C 1 2 1'
#
loop_
_entity.id
_entity.type
_entity.pdbx_description
1 polymer CFXB
2 non-polymer 1,2-ETHANEDIOL
3 non-polymer GLYCEROL
4 water water
#
_entity_poly.entity_id   1
_entity_poly.type   'polypeptide(L)'
_entity_poly.pdbx_seq_one_letter_code
;APQNITELCSEYHNTQIYELNKEIKTYTESLAGYREMVIISFANGATFQVEVPGSQHLESQKRPLERMKDTLRAAYFTGI
KVSKLCVWNNKTPNSIAAIELSN
;
_entity_poly.pdbx_strand_id   D,E,F,G,H,I,J,K,L,M
#
# COMPACT_ATOMS: atom_id res chain seq x y z
N ALA A 1 -16.24 15.47 7.87
CA ALA A 1 -16.26 14.52 6.73
C ALA A 1 -15.45 13.25 7.09
N PRO A 2 -15.73 12.08 6.43
CA PRO A 2 -14.84 10.90 6.67
C PRO A 2 -13.40 11.23 6.35
N GLN A 3 -12.48 10.64 7.08
CA GLN A 3 -11.07 10.89 6.78
C GLN A 3 -10.18 9.72 6.35
N ASN A 4 -10.80 8.59 6.08
CA ASN A 4 -10.11 7.46 5.49
C ASN A 4 -11.12 6.59 4.74
N ILE A 5 -10.66 5.57 4.05
CA ILE A 5 -11.58 4.81 3.15
C ILE A 5 -12.58 3.95 3.94
N THR A 6 -12.17 3.53 5.13
CA THR A 6 -13.03 2.70 5.99
C THR A 6 -14.28 3.50 6.46
N GLU A 7 -14.08 4.77 6.82
CA GLU A 7 -15.20 5.68 7.16
C GLU A 7 -16.02 6.07 5.93
N LEU A 8 -15.32 6.26 4.82
CA LEU A 8 -15.95 6.52 3.56
C LEU A 8 -16.87 5.40 3.13
N CYS A 9 -16.41 4.18 3.30
CA CYS A 9 -17.13 3.03 2.78
C CYS A 9 -18.50 2.86 3.48
N SER A 10 -18.59 3.31 4.73
CA SER A 10 -19.85 3.44 5.47
C SER A 10 -20.90 4.40 4.86
N GLU A 11 -20.45 5.35 4.06
CA GLU A 11 -21.33 6.32 3.42
C GLU A 11 -22.08 5.71 2.24
N TYR A 12 -21.72 4.48 1.83
CA TYR A 12 -22.37 3.88 0.67
C TYR A 12 -23.29 2.77 1.17
N HIS A 13 -24.30 2.47 0.35
CA HIS A 13 -25.21 1.40 0.67
C HIS A 13 -24.68 0.10 0.13
N ASN A 14 -24.66 -0.95 0.95
CA ASN A 14 -24.27 -2.31 0.52
C ASN A 14 -22.82 -2.40 0.00
N THR A 15 -21.91 -1.82 0.75
CA THR A 15 -20.49 -1.92 0.42
C THR A 15 -19.69 -2.63 1.48
N GLN A 16 -18.52 -3.11 1.12
CA GLN A 16 -17.57 -3.57 2.10
C GLN A 16 -16.15 -3.20 1.69
N ILE A 17 -15.29 -3.14 2.68
CA ILE A 17 -13.85 -2.91 2.45
C ILE A 17 -13.14 -4.22 2.10
N TYR A 18 -12.27 -4.21 1.10
CA TYR A 18 -11.43 -5.33 0.78
C TYR A 18 -10.01 -4.85 0.91
N GLU A 19 -9.34 -5.30 1.95
CA GLU A 19 -7.97 -4.88 2.13
C GLU A 19 -7.13 -5.92 1.46
N LEU A 20 -6.44 -5.53 0.40
CA LEU A 20 -5.57 -6.48 -0.28
C LEU A 20 -4.09 -6.20 -0.55
N ASN A 21 -3.65 -4.94 -0.61
CA ASN A 21 -2.22 -4.61 -0.77
C ASN A 21 -1.53 -5.31 -1.92
N LYS A 22 -2.08 -5.18 -3.09
CA LYS A 22 -1.56 -5.83 -4.27
C LYS A 22 -1.62 -4.95 -5.48
N GLU A 23 -0.74 -5.23 -6.42
CA GLU A 23 -0.81 -4.57 -7.73
C GLU A 23 -1.73 -5.29 -8.72
N ILE A 24 -2.27 -4.49 -9.62
CA ILE A 24 -3.24 -4.96 -10.60
C ILE A 24 -2.49 -5.86 -11.62
N LYS A 25 -3.03 -7.04 -11.89
CA LYS A 25 -2.37 -7.94 -12.84
C LYS A 25 -2.88 -7.80 -14.24
N THR A 26 -4.17 -7.48 -14.38
CA THR A 26 -4.86 -7.35 -15.68
C THR A 26 -5.81 -6.15 -15.64
N TYR A 27 -5.76 -5.38 -16.73
CA TYR A 27 -6.56 -4.18 -16.96
C TYR A 27 -7.22 -4.42 -18.31
N THR A 28 -8.54 -4.44 -18.28
CA THR A 28 -9.35 -4.61 -19.47
C THR A 28 -10.27 -3.43 -19.62
N GLU A 29 -10.40 -2.93 -20.84
CA GLU A 29 -11.36 -1.86 -21.14
C GLU A 29 -12.11 -2.12 -22.43
N SER A 30 -13.40 -1.84 -22.44
CA SER A 30 -14.25 -2.12 -23.59
C SER A 30 -15.23 -1.02 -23.85
N LEU A 31 -15.55 -0.84 -25.11
CA LEU A 31 -16.56 0.11 -25.51
C LEU A 31 -17.95 -0.35 -25.11
N ALA A 32 -18.68 0.59 -24.52
CA ALA A 32 -20.12 0.45 -24.40
C ALA A 32 -20.65 1.81 -24.85
N GLY A 33 -21.92 1.92 -25.15
CA GLY A 33 -22.42 3.20 -25.63
C GLY A 33 -22.40 4.17 -24.45
N TYR A 34 -21.90 5.37 -24.66
CA TYR A 34 -21.85 6.40 -23.61
C TYR A 34 -20.67 6.27 -22.66
N ARG A 35 -20.34 5.05 -22.21
CA ARG A 35 -19.17 4.88 -21.33
C ARG A 35 -18.42 3.56 -21.56
N GLU A 36 -17.16 3.54 -21.14
CA GLU A 36 -16.34 2.37 -21.30
C GLU A 36 -16.42 1.51 -20.08
N MET A 37 -16.51 0.21 -20.29
CA MET A 37 -16.37 -0.71 -19.20
C MET A 37 -14.89 -0.80 -18.84
N VAL A 38 -14.58 -0.75 -17.55
CA VAL A 38 -13.21 -0.98 -17.09
C VAL A 38 -13.25 -2.09 -16.07
N ILE A 39 -12.44 -3.12 -16.29
CA ILE A 39 -12.36 -4.28 -15.43
C ILE A 39 -10.90 -4.51 -15.05
N ILE A 40 -10.64 -4.69 -13.74
CA ILE A 40 -9.32 -5.07 -13.26
C ILE A 40 -9.33 -6.39 -12.51
N SER A 41 -8.23 -7.12 -12.59
CA SER A 41 -8.06 -8.25 -11.73
CA SER A 41 -8.02 -8.37 -11.85
C SER A 41 -6.68 -8.34 -11.11
N PHE A 42 -6.67 -9.05 -10.00
CA PHE A 42 -5.47 -9.27 -9.24
C PHE A 42 -5.06 -10.72 -9.38
N ALA A 43 -3.87 -11.05 -8.90
CA ALA A 43 -3.26 -12.38 -9.02
C ALA A 43 -4.10 -13.54 -8.42
N ASN A 44 -4.93 -13.25 -7.42
CA ASN A 44 -5.82 -14.29 -6.84
C ASN A 44 -7.12 -14.49 -7.63
N GLY A 45 -7.30 -13.73 -8.71
CA GLY A 45 -8.49 -13.82 -9.50
C GLY A 45 -9.60 -12.88 -9.09
N ALA A 46 -9.41 -12.15 -7.98
CA ALA A 46 -10.40 -11.17 -7.55
C ALA A 46 -10.53 -10.13 -8.69
N THR A 47 -11.76 -9.87 -9.10
CA THR A 47 -12.08 -9.07 -10.30
C THR A 47 -13.12 -8.02 -9.97
N PHE A 48 -12.87 -6.80 -10.44
CA PHE A 48 -13.71 -5.64 -10.17
C PHE A 48 -13.95 -4.85 -11.41
N GLN A 49 -15.11 -4.20 -11.44
CA GLN A 49 -15.47 -3.29 -12.49
C GLN A 49 -15.67 -1.86 -11.98
N VAL A 50 -15.70 -0.88 -12.88
CA VAL A 50 -16.04 0.49 -12.51
C VAL A 50 -17.40 0.88 -13.08
N GLU A 51 -18.39 0.94 -12.21
CA GLU A 51 -19.77 1.19 -12.59
C GLU A 51 -20.65 1.54 -11.37
N VAL A 52 -21.45 2.58 -11.51
CA VAL A 52 -22.45 2.95 -10.49
C VAL A 52 -23.60 1.94 -10.50
N PRO A 53 -24.08 1.52 -9.31
CA PRO A 53 -25.07 0.46 -9.36
C PRO A 53 -26.49 1.02 -9.17
N LEU A 65 -16.51 8.73 -11.98
CA LEU A 65 -16.34 7.53 -12.79
C LEU A 65 -15.10 7.65 -13.66
N GLU A 66 -15.01 8.71 -14.45
CA GLU A 66 -13.87 8.89 -15.37
C GLU A 66 -12.57 9.00 -14.57
N ARG A 67 -12.61 9.69 -13.44
CA ARG A 67 -11.42 9.86 -12.60
CA ARG A 67 -11.45 9.86 -12.60
C ARG A 67 -10.94 8.50 -12.11
N MET A 68 -11.85 7.70 -11.59
CA MET A 68 -11.50 6.42 -11.02
C MET A 68 -10.90 5.52 -12.08
N LYS A 69 -11.52 5.47 -13.25
CA LYS A 69 -11.02 4.69 -14.37
C LYS A 69 -9.56 5.11 -14.69
N ASP A 70 -9.31 6.43 -14.70
CA ASP A 70 -7.97 6.97 -14.90
C ASP A 70 -6.97 6.50 -13.85
N THR A 71 -7.40 6.53 -12.59
CA THR A 71 -6.56 6.18 -11.48
C THR A 71 -6.21 4.71 -11.59
N LEU A 72 -7.20 3.87 -11.90
CA LEU A 72 -6.91 2.46 -11.99
C LEU A 72 -5.97 2.12 -13.19
N ARG A 73 -6.19 2.76 -14.31
CA ARG A 73 -5.30 2.51 -15.47
C ARG A 73 -3.87 2.93 -15.12
N ALA A 74 -3.72 4.10 -14.47
CA ALA A 74 -2.43 4.59 -14.03
C ALA A 74 -1.75 3.62 -13.06
N ALA A 75 -2.49 3.07 -12.11
CA ALA A 75 -1.97 2.06 -11.19
C ALA A 75 -1.53 0.81 -11.92
N TYR A 76 -2.30 0.40 -12.94
CA TYR A 76 -1.89 -0.73 -13.71
C TYR A 76 -0.53 -0.46 -14.41
N PHE A 77 -0.45 0.65 -15.15
CA PHE A 77 0.74 1.01 -15.91
C PHE A 77 2.00 1.13 -15.04
N THR A 78 1.86 1.62 -13.81
CA THR A 78 2.99 1.88 -12.91
C THR A 78 3.28 0.75 -11.96
N GLY A 79 2.34 -0.17 -11.79
CA GLY A 79 2.52 -1.27 -10.87
C GLY A 79 2.39 -0.82 -9.42
N ILE A 80 1.64 0.26 -9.22
CA ILE A 80 1.37 0.88 -7.89
C ILE A 80 0.44 -0.06 -7.11
N LYS A 81 0.70 -0.16 -5.82
CA LYS A 81 -0.03 -1.11 -4.99
C LYS A 81 -1.37 -0.52 -4.64
N VAL A 82 -2.42 -1.30 -4.83
CA VAL A 82 -3.74 -0.97 -4.39
C VAL A 82 -3.89 -1.51 -2.99
N SER A 83 -4.06 -0.63 -2.02
CA SER A 83 -4.09 -1.06 -0.62
C SER A 83 -5.47 -1.61 -0.25
N LYS A 84 -6.51 -0.79 -0.45
CA LYS A 84 -7.90 -1.13 -0.17
C LYS A 84 -8.85 -0.70 -1.27
N LEU A 85 -9.92 -1.48 -1.42
CA LEU A 85 -11.04 -1.12 -2.22
C LEU A 85 -12.28 -1.11 -1.36
N CYS A 86 -13.18 -0.19 -1.65
CA CYS A 86 -14.53 -0.22 -1.12
C CYS A 86 -15.40 -0.61 -2.31
N VAL A 87 -16.08 -1.75 -2.20
CA VAL A 87 -16.82 -2.33 -3.31
C VAL A 87 -18.27 -2.62 -2.98
N TRP A 88 -19.11 -2.45 -3.97
CA TRP A 88 -20.49 -2.92 -3.94
C TRP A 88 -20.46 -4.40 -4.23
N ASN A 89 -20.96 -5.17 -3.28
CA ASN A 89 -20.80 -6.61 -3.34
C ASN A 89 -21.99 -7.36 -3.84
N ASN A 90 -23.00 -6.64 -4.34
CA ASN A 90 -24.22 -7.24 -4.93
C ASN A 90 -24.15 -7.29 -6.46
N LYS A 91 -22.95 -7.04 -6.97
CA LYS A 91 -22.62 -6.87 -8.37
C LYS A 91 -21.60 -7.94 -8.70
N THR A 92 -21.68 -8.56 -9.86
CA THR A 92 -20.71 -9.58 -10.28
C THR A 92 -20.17 -9.29 -11.70
N PRO A 93 -18.86 -8.93 -11.83
CA PRO A 93 -17.91 -8.70 -10.74
C PRO A 93 -18.25 -7.46 -9.89
N ASN A 94 -17.73 -7.42 -8.66
CA ASN A 94 -18.06 -6.35 -7.73
C ASN A 94 -17.58 -5.00 -8.32
N SER A 95 -18.36 -3.97 -8.07
CA SER A 95 -18.08 -2.63 -8.55
C SER A 95 -17.36 -1.79 -7.49
N ILE A 96 -16.51 -0.84 -7.91
CA ILE A 96 -15.64 -0.07 -7.02
C ILE A 96 -16.27 1.29 -6.66
N ALA A 97 -16.41 1.55 -5.36
CA ALA A 97 -16.92 2.82 -4.84
C ALA A 97 -15.81 3.80 -4.47
N ALA A 98 -14.70 3.26 -3.98
CA ALA A 98 -13.53 4.03 -3.58
C ALA A 98 -12.27 3.15 -3.57
N ILE A 99 -11.12 3.80 -3.61
CA ILE A 99 -9.84 3.12 -3.64
C ILE A 99 -8.89 3.86 -2.72
N GLU A 100 -8.02 3.10 -2.08
CA GLU A 100 -6.90 3.63 -1.33
C GLU A 100 -5.61 3.07 -1.92
N LEU A 101 -4.67 3.97 -2.20
CA LEU A 101 -3.32 3.61 -2.61
C LEU A 101 -2.40 3.96 -1.45
N SER A 102 -1.58 3.00 -1.10
CA SER A 102 -0.63 3.16 -0.04
C SER A 102 0.40 2.05 -0.29
N ASN A 103 1.58 2.27 -0.06
N ALA B 1 -0.74 40.78 -7.03
CA ALA B 1 -1.39 39.51 -6.56
C ALA B 1 -0.36 38.78 -5.68
N PRO B 2 -0.78 37.75 -4.92
CA PRO B 2 0.21 37.01 -4.11
C PRO B 2 1.31 36.45 -4.95
N GLN B 3 2.49 36.33 -4.36
CA GLN B 3 3.64 35.79 -5.06
C GLN B 3 4.09 34.44 -4.47
N ASN B 4 3.40 33.99 -3.44
CA ASN B 4 3.70 32.71 -2.83
C ASN B 4 2.57 32.28 -1.93
N ILE B 5 2.69 31.10 -1.37
CA ILE B 5 1.56 30.46 -0.77
C ILE B 5 1.26 31.11 0.61
N THR B 6 2.27 31.68 1.26
CA THR B 6 2.03 32.38 2.54
C THR B 6 1.19 33.65 2.36
N GLU B 7 1.56 34.46 1.36
CA GLU B 7 0.78 35.67 1.04
C GLU B 7 -0.62 35.31 0.67
N LEU B 8 -0.74 34.26 -0.15
CA LEU B 8 -2.04 33.83 -0.64
C LEU B 8 -2.93 33.34 0.49
N CYS B 9 -2.37 32.54 1.39
CA CYS B 9 -3.10 31.96 2.49
C CYS B 9 -3.58 33.03 3.49
N SER B 10 -2.80 34.11 3.64
CA SER B 10 -3.17 35.20 4.53
C SER B 10 -4.40 35.99 4.08
N GLU B 11 -4.77 35.89 2.82
CA GLU B 11 -5.88 36.66 2.27
C GLU B 11 -7.26 36.12 2.63
N TYR B 12 -7.30 34.90 3.14
CA TYR B 12 -8.56 34.25 3.41
C TYR B 12 -8.79 33.97 4.89
N HIS B 13 -10.05 33.86 5.24
CA HIS B 13 -10.50 33.65 6.61
C HIS B 13 -10.36 32.16 6.97
N ASN B 14 -10.00 31.89 8.22
CA ASN B 14 -9.96 30.52 8.76
C ASN B 14 -8.96 29.61 8.00
N THR B 15 -7.80 30.13 7.62
CA THR B 15 -6.83 29.29 6.93
C THR B 15 -5.58 29.23 7.75
N GLN B 16 -4.77 28.21 7.49
CA GLN B 16 -3.43 28.10 8.06
C GLN B 16 -2.49 27.40 7.11
N ILE B 17 -1.21 27.71 7.27
CA ILE B 17 -0.17 27.02 6.51
C ILE B 17 0.35 25.88 7.31
N TYR B 18 0.47 24.71 6.66
CA TYR B 18 1.17 23.54 7.20
C TYR B 18 2.44 23.29 6.37
N GLU B 19 3.60 23.28 7.03
CA GLU B 19 4.86 22.95 6.40
C GLU B 19 5.11 21.45 6.58
N LEU B 20 5.23 20.74 5.48
CA LEU B 20 5.36 19.28 5.49
C LEU B 20 6.74 18.86 5.01
N ASN B 21 7.08 19.24 3.78
CA ASN B 21 8.29 18.79 3.16
C ASN B 21 8.38 17.29 3.19
N LYS B 22 7.29 16.63 2.79
CA LYS B 22 7.21 15.17 2.78
C LYS B 22 6.39 14.69 1.58
N GLU B 23 6.60 13.45 1.19
CA GLU B 23 5.78 12.87 0.13
C GLU B 23 4.46 12.42 0.75
N ILE B 24 3.45 12.28 -0.09
CA ILE B 24 2.16 11.74 0.34
C ILE B 24 2.32 10.23 0.60
N LYS B 25 1.80 9.79 1.73
CA LYS B 25 1.83 8.40 2.14
C LYS B 25 0.58 7.59 1.72
N THR B 26 -0.58 8.21 1.77
CA THR B 26 -1.81 7.53 1.32
C THR B 26 -2.67 8.47 0.54
N TYR B 27 -3.22 7.94 -0.55
CA TYR B 27 -4.09 8.61 -1.47
C TYR B 27 -5.41 7.82 -1.55
N THR B 28 -6.50 8.51 -1.27
CA THR B 28 -7.83 7.92 -1.28
C THR B 28 -8.77 8.72 -2.14
N GLU B 29 -9.55 8.03 -2.96
CA GLU B 29 -10.48 8.63 -3.89
C GLU B 29 -11.81 7.87 -3.85
N SER B 30 -12.93 8.59 -3.86
CA SER B 30 -14.31 8.03 -3.91
C SER B 30 -14.96 8.48 -5.23
N LEU B 31 -16.04 7.85 -5.68
CA LEU B 31 -16.58 8.25 -7.02
C LEU B 31 -17.18 9.66 -7.09
N ALA B 32 -17.25 10.22 -8.30
CA ALA B 32 -18.01 11.43 -8.55
C ALA B 32 -19.49 11.15 -8.27
N GLY B 33 -20.22 12.11 -7.69
CA GLY B 33 -21.66 11.97 -7.45
C GLY B 33 -22.07 12.45 -6.09
N MET B 37 -14.67 12.56 -3.42
CA MET B 37 -13.80 12.95 -2.32
C MET B 37 -12.39 12.45 -2.64
N VAL B 38 -11.40 13.33 -2.44
CA VAL B 38 -10.00 12.93 -2.44
C VAL B 38 -9.45 13.25 -1.04
N ILE B 39 -8.79 12.29 -0.43
CA ILE B 39 -8.16 12.48 0.85
C ILE B 39 -6.71 12.01 0.75
N ILE B 40 -5.81 12.80 1.29
CA ILE B 40 -4.39 12.44 1.32
C ILE B 40 -3.92 12.41 2.78
N SER B 41 -2.95 11.57 3.06
CA SER B 41 -2.35 11.64 4.36
C SER B 41 -0.85 11.47 4.31
N PHE B 42 -0.19 11.99 5.34
CA PHE B 42 1.24 12.00 5.45
C PHE B 42 1.68 11.08 6.60
N ALA B 43 2.97 10.76 6.61
CA ALA B 43 3.54 9.85 7.62
C ALA B 43 3.38 10.32 9.08
N ASN B 44 3.11 11.60 9.29
CA ASN B 44 2.88 12.14 10.65
C ASN B 44 1.42 12.06 11.11
N GLY B 45 0.57 11.47 10.27
CA GLY B 45 -0.86 11.37 10.55
C GLY B 45 -1.71 12.50 9.97
N ALA B 46 -1.06 13.55 9.49
CA ALA B 46 -1.75 14.70 8.95
C ALA B 46 -2.56 14.25 7.76
N THR B 47 -3.84 14.59 7.77
CA THR B 47 -4.80 14.11 6.79
C THR B 47 -5.52 15.33 6.27
N PHE B 48 -5.69 15.38 4.95
CA PHE B 48 -6.32 16.51 4.27
C PHE B 48 -7.24 16.05 3.14
N GLN B 49 -8.25 16.85 2.86
CA GLN B 49 -9.23 16.52 1.83
C GLN B 49 -9.29 17.62 0.81
N VAL B 50 -9.72 17.29 -0.41
CA VAL B 50 -10.16 18.27 -1.38
C VAL B 50 -11.68 18.30 -1.40
N GLU B 51 -12.23 19.39 -0.88
CA GLU B 51 -13.67 19.49 -0.60
C GLU B 51 -14.47 19.71 -1.89
N LYS B 62 -15.65 23.75 -10.11
CA LYS B 62 -15.42 22.43 -10.66
C LYS B 62 -13.96 22.30 -11.09
N ARG B 63 -13.64 22.85 -12.28
CA ARG B 63 -12.30 22.81 -12.92
C ARG B 63 -11.09 22.92 -11.97
N PRO B 64 -10.97 24.03 -11.20
CA PRO B 64 -9.98 24.20 -10.15
C PRO B 64 -9.87 23.01 -9.15
N LEU B 65 -11.02 22.45 -8.77
CA LEU B 65 -11.02 21.31 -7.86
C LEU B 65 -10.47 20.10 -8.57
N GLU B 66 -10.85 19.94 -9.83
CA GLU B 66 -10.37 18.83 -10.60
C GLU B 66 -8.87 18.91 -10.80
N ARG B 67 -8.35 20.13 -11.02
CA ARG B 67 -6.93 20.31 -11.15
C ARG B 67 -6.18 19.94 -9.87
N MET B 68 -6.63 20.45 -8.72
CA MET B 68 -6.00 20.10 -7.44
C MET B 68 -5.99 18.58 -7.21
N LYS B 69 -7.11 17.92 -7.48
CA LYS B 69 -7.15 16.48 -7.35
C LYS B 69 -6.13 15.78 -8.26
N ASP B 70 -5.97 16.31 -9.47
CA ASP B 70 -5.03 15.76 -10.42
C ASP B 70 -3.59 15.96 -9.92
N THR B 71 -3.32 17.12 -9.37
CA THR B 71 -2.02 17.41 -8.78
C THR B 71 -1.66 16.49 -7.62
N LEU B 72 -2.60 16.31 -6.70
CA LEU B 72 -2.37 15.44 -5.54
C LEU B 72 -2.13 13.98 -5.96
N ARG B 73 -2.97 13.50 -6.86
CA ARG B 73 -2.79 12.15 -7.39
C ARG B 73 -1.42 11.98 -8.06
N ALA B 74 -1.03 12.92 -8.92
CA ALA B 74 0.28 12.86 -9.54
C ALA B 74 1.41 12.93 -8.54
N ALA B 75 1.30 13.79 -7.53
CA ALA B 75 2.28 13.82 -6.42
C ALA B 75 2.40 12.48 -5.71
N TYR B 76 1.26 11.84 -5.46
CA TYR B 76 1.29 10.52 -4.83
C TYR B 76 2.06 9.53 -5.70
N PHE B 77 1.67 9.39 -6.97
CA PHE B 77 2.26 8.39 -7.88
C PHE B 77 3.77 8.54 -8.08
N THR B 78 4.24 9.79 -8.08
CA THR B 78 5.65 10.08 -8.36
C THR B 78 6.52 10.23 -7.13
N GLY B 79 5.94 10.38 -5.94
CA GLY B 79 6.72 10.52 -4.69
C GLY B 79 7.33 11.91 -4.54
N ILE B 80 6.74 12.86 -5.23
CA ILE B 80 7.10 14.27 -5.22
C ILE B 80 6.85 14.82 -3.81
N LYS B 81 7.77 15.64 -3.31
CA LYS B 81 7.60 16.21 -1.98
C LYS B 81 6.59 17.33 -1.96
N VAL B 82 5.67 17.30 -1.00
CA VAL B 82 4.80 18.45 -0.75
C VAL B 82 5.46 19.36 0.29
N SER B 83 5.71 20.58 -0.11
CA SER B 83 6.41 21.54 0.75
C SER B 83 5.46 22.18 1.75
N LYS B 84 4.39 22.79 1.24
CA LYS B 84 3.40 23.41 2.09
C LYS B 84 1.99 23.20 1.60
N LEU B 85 1.06 23.18 2.54
CA LEU B 85 -0.35 23.30 2.26
C LEU B 85 -0.98 24.49 2.96
N CYS B 86 -1.84 25.22 2.23
CA CYS B 86 -2.72 26.20 2.82
C CYS B 86 -4.05 25.48 2.95
N VAL B 87 -4.56 25.39 4.18
CA VAL B 87 -5.82 24.70 4.44
C VAL B 87 -6.84 25.56 5.22
N TRP B 88 -8.11 25.26 5.00
CA TRP B 88 -9.20 25.75 5.81
C TRP B 88 -9.28 24.83 7.01
N ASN B 89 -9.12 25.40 8.20
CA ASN B 89 -9.11 24.58 9.41
C ASN B 89 -10.47 24.55 10.11
N ASN B 90 -11.53 24.91 9.39
CA ASN B 90 -12.90 24.85 9.89
C ASN B 90 -13.59 23.60 9.37
N LYS B 91 -12.81 22.71 8.77
CA LYS B 91 -13.32 21.43 8.27
C LYS B 91 -12.45 20.32 8.83
N THR B 92 -13.02 19.13 8.96
CA THR B 92 -12.20 17.94 9.28
C THR B 92 -12.50 16.81 8.28
N PRO B 93 -11.45 16.23 7.66
CA PRO B 93 -10.04 16.67 7.65
C PRO B 93 -9.98 18.11 7.18
N ASN B 94 -8.88 18.79 7.42
CA ASN B 94 -8.72 20.13 6.85
C ASN B 94 -8.79 20.10 5.30
N SER B 95 -9.42 21.13 4.74
CA SER B 95 -9.66 21.23 3.34
C SER B 95 -8.57 22.06 2.67
N ILE B 96 -8.11 21.61 1.51
CA ILE B 96 -6.94 22.23 0.87
C ILE B 96 -7.37 23.39 0.02
N ALA B 97 -6.78 24.55 0.31
CA ALA B 97 -6.98 25.75 -0.49
C ALA B 97 -5.85 25.97 -1.50
N ALA B 98 -4.63 25.59 -1.10
CA ALA B 98 -3.44 25.79 -1.93
C ALA B 98 -2.37 24.80 -1.57
N ILE B 99 -1.50 24.51 -2.55
CA ILE B 99 -0.42 23.58 -2.39
C ILE B 99 0.86 24.22 -2.95
N GLU B 100 1.98 23.96 -2.31
CA GLU B 100 3.30 24.36 -2.80
C GLU B 100 4.11 23.12 -2.92
N LEU B 101 4.69 22.92 -4.12
CA LEU B 101 5.64 21.85 -4.37
C LEU B 101 7.01 22.49 -4.52
N SER B 102 8.00 21.96 -3.82
CA SER B 102 9.33 22.51 -3.90
C SER B 102 10.30 21.57 -3.16
N ALA C 1 2.95 32.99 -40.90
CA ALA C 1 2.41 33.34 -39.58
C ALA C 1 3.58 33.20 -38.60
N PRO C 2 3.44 33.75 -37.37
CA PRO C 2 4.52 33.61 -36.41
C PRO C 2 4.90 32.16 -36.22
N GLN C 3 6.18 31.87 -36.07
CA GLN C 3 6.59 30.47 -35.87
C GLN C 3 7.47 30.21 -34.66
N ASN C 4 7.64 31.23 -33.84
CA ASN C 4 8.39 31.08 -32.63
C ASN C 4 7.81 32.03 -31.59
N ILE C 5 8.20 31.80 -30.35
CA ILE C 5 7.64 32.59 -29.23
C ILE C 5 7.94 34.09 -29.34
N THR C 6 9.09 34.47 -29.91
CA THR C 6 9.37 35.89 -30.13
C THR C 6 8.36 36.54 -31.09
N GLU C 7 8.04 35.88 -32.20
CA GLU C 7 7.07 36.41 -33.15
C GLU C 7 5.67 36.42 -32.59
N LEU C 8 5.33 35.38 -31.84
CA LEU C 8 4.03 35.32 -31.19
C LEU C 8 3.88 36.42 -30.15
N CYS C 9 4.93 36.66 -29.37
CA CYS C 9 4.90 37.65 -28.29
C CYS C 9 4.62 39.05 -28.79
N SER C 10 5.13 39.34 -29.98
CA SER C 10 4.97 40.63 -30.58
C SER C 10 3.53 40.92 -30.97
N GLU C 11 2.68 39.89 -31.04
CA GLU C 11 1.26 40.08 -31.37
C GLU C 11 0.35 40.44 -30.21
N TYR C 12 0.82 40.23 -28.97
CA TYR C 12 0.07 40.63 -27.78
C TYR C 12 0.38 42.08 -27.45
N HIS C 13 -0.43 42.68 -26.60
CA HIS C 13 -0.19 44.03 -26.10
C HIS C 13 0.57 44.02 -24.79
N ASN C 14 1.66 44.79 -24.72
CA ASN C 14 2.39 44.97 -23.46
C ASN C 14 3.08 43.72 -22.92
N THR C 15 3.70 42.94 -23.80
CA THR C 15 4.40 41.71 -23.39
C THR C 15 5.87 41.81 -23.74
N GLN C 16 6.71 41.01 -23.08
CA GLN C 16 8.12 40.89 -23.43
C GLN C 16 8.56 39.43 -23.26
N ILE C 17 9.55 39.02 -24.07
CA ILE C 17 10.25 37.74 -23.91
C ILE C 17 11.25 37.73 -22.75
N TYR C 18 11.10 36.78 -21.83
CA TYR C 18 12.11 36.44 -20.84
C TYR C 18 12.67 35.07 -21.17
N GLU C 19 13.97 34.99 -21.42
CA GLU C 19 14.64 33.71 -21.65
C GLU C 19 15.33 33.32 -20.36
N LEU C 20 15.19 32.06 -19.96
CA LEU C 20 15.67 31.58 -18.70
C LEU C 20 16.52 30.32 -18.78
N ASN C 21 16.05 29.29 -19.47
CA ASN C 21 16.74 28.00 -19.52
C ASN C 21 17.04 27.45 -18.15
N LYS C 22 16.03 27.50 -17.29
CA LYS C 22 16.09 27.08 -15.89
C LYS C 22 14.93 26.15 -15.58
N GLU C 23 15.14 25.21 -14.67
CA GLU C 23 14.05 24.38 -14.24
C GLU C 23 13.28 25.12 -13.16
N ILE C 24 11.98 24.89 -13.12
CA ILE C 24 11.13 25.50 -12.08
C ILE C 24 11.48 25.01 -10.68
N LYS C 25 11.67 25.91 -9.72
CA LYS C 25 12.08 25.50 -8.36
C LYS C 25 10.88 25.32 -7.42
N THR C 26 9.85 26.15 -7.61
CA THR C 26 8.63 26.09 -6.80
C THR C 26 7.40 26.26 -7.65
N TYR C 27 6.41 25.42 -7.36
CA TYR C 27 5.15 25.36 -8.10
C TYR C 27 4.04 25.53 -7.07
N THR C 28 3.18 26.53 -7.26
CA THR C 28 2.15 26.81 -6.32
C THR C 28 0.83 26.84 -7.06
N GLU C 29 -0.18 26.19 -6.50
CA GLU C 29 -1.45 26.07 -7.14
C GLU C 29 -2.53 26.35 -6.11
N SER C 30 -3.46 27.24 -6.45
CA SER C 30 -4.49 27.66 -5.49
C SER C 30 -5.88 27.48 -6.08
N LEU C 31 -6.83 27.01 -5.27
CA LEU C 31 -8.21 27.02 -5.69
C LEU C 31 -9.04 27.98 -4.80
N ALA C 32 -8.35 28.75 -3.97
CA ALA C 32 -9.00 29.71 -3.06
C ALA C 32 -9.64 30.87 -3.82
N MET C 37 -5.33 29.97 -9.54
CA MET C 37 -4.01 30.58 -9.67
C MET C 37 -2.91 29.53 -9.70
N VAL C 38 -1.97 29.70 -10.63
CA VAL C 38 -0.79 28.87 -10.70
C VAL C 38 0.39 29.85 -10.75
N ILE C 39 1.36 29.62 -9.89
CA ILE C 39 2.54 30.48 -9.74
C ILE C 39 3.78 29.60 -9.80
N ILE C 40 4.73 29.98 -10.63
CA ILE C 40 5.99 29.30 -10.71
C ILE C 40 7.14 30.23 -10.35
N SER C 41 8.12 29.70 -9.66
CA SER C 41 9.35 30.43 -9.34
C SER C 41 10.61 29.68 -9.69
N PHE C 42 11.66 30.46 -9.95
CA PHE C 42 12.95 29.93 -10.33
C PHE C 42 13.97 30.30 -9.27
N ALA C 43 15.15 29.69 -9.37
CA ALA C 43 16.19 29.82 -8.33
C ALA C 43 16.68 31.24 -8.13
N ASN C 44 16.55 32.09 -9.15
CA ASN C 44 16.99 33.50 -9.08
C ASN C 44 15.90 34.42 -8.48
N GLY C 45 14.77 33.82 -8.10
CA GLY C 45 13.69 34.56 -7.51
C GLY C 45 12.62 35.05 -8.47
N ALA C 46 12.85 34.90 -9.76
CA ALA C 46 11.88 35.28 -10.73
C ALA C 46 10.61 34.46 -10.51
N THR C 47 9.49 35.16 -10.52
CA THR C 47 8.18 34.57 -10.26
C THR C 47 7.18 34.98 -11.30
N PHE C 48 6.41 34.01 -11.79
CA PHE C 48 5.39 34.22 -12.82
C PHE C 48 4.10 33.53 -12.44
N GLN C 49 2.99 34.05 -12.96
CA GLN C 49 1.70 33.41 -12.81
C GLN C 49 1.00 33.16 -14.15
N VAL C 50 -0.03 32.30 -14.11
CA VAL C 50 -0.93 32.11 -15.23
C VAL C 50 -2.27 32.77 -14.92
N GLU C 51 -2.57 33.87 -15.62
CA GLU C 51 -3.78 34.67 -15.38
C GLU C 51 -4.01 35.74 -16.44
N LEU C 58 -14.79 34.06 -18.52
CA LEU C 58 -14.93 34.06 -19.98
C LEU C 58 -14.68 32.67 -20.54
N GLU C 59 -15.68 32.12 -21.21
CA GLU C 59 -15.59 30.78 -21.82
C GLU C 59 -14.36 30.61 -22.70
N SER C 60 -13.96 31.65 -23.43
CA SER C 60 -12.84 31.50 -24.39
C SER C 60 -11.48 31.20 -23.72
N GLN C 61 -11.36 31.56 -22.45
CA GLN C 61 -10.09 31.45 -21.73
C GLN C 61 -9.94 30.09 -21.07
N LYS C 62 -11.04 29.33 -21.05
CA LYS C 62 -11.14 28.09 -20.29
C LYS C 62 -10.10 27.04 -20.68
N ARG C 63 -10.21 26.53 -21.90
CA ARG C 63 -9.31 25.49 -22.39
C ARG C 63 -7.84 25.98 -22.49
N PRO C 64 -7.60 27.14 -23.12
CA PRO C 64 -6.18 27.53 -23.25
C PRO C 64 -5.43 27.66 -21.92
N LEU C 65 -6.04 28.34 -20.97
CA LEU C 65 -5.46 28.41 -19.62
C LEU C 65 -5.24 27.04 -19.00
N GLU C 66 -6.18 26.13 -19.18
CA GLU C 66 -6.01 24.79 -18.68
C GLU C 66 -4.79 24.10 -19.26
N ARG C 67 -4.58 24.19 -20.57
CA ARG C 67 -3.47 23.52 -21.24
C ARG C 67 -2.18 24.09 -20.71
N MET C 68 -2.10 25.42 -20.63
CA MET C 68 -0.88 26.06 -20.16
CA MET C 68 -0.88 26.07 -20.15
C MET C 68 -0.54 25.65 -18.73
N LYS C 69 -1.54 25.62 -17.84
CA LYS C 69 -1.28 25.22 -16.47
C LYS C 69 -0.82 23.77 -16.41
N ASP C 70 -1.41 22.90 -17.26
CA ASP C 70 -0.95 21.48 -17.36
C ASP C 70 0.52 21.37 -17.79
N THR C 71 0.89 22.12 -18.82
CA THR C 71 2.26 22.16 -19.28
C THR C 71 3.25 22.61 -18.22
N LEU C 72 2.91 23.69 -17.50
CA LEU C 72 3.82 24.17 -16.45
C LEU C 72 3.94 23.18 -15.27
N ARG C 73 2.84 22.53 -14.91
CA ARG C 73 2.88 21.53 -13.84
C ARG C 73 3.74 20.34 -14.26
N ALA C 74 3.57 19.89 -15.50
CA ALA C 74 4.39 18.83 -16.02
C ALA C 74 5.86 19.18 -16.04
N ALA C 75 6.20 20.43 -16.42
CA ALA C 75 7.60 20.86 -16.44
C ALA C 75 8.18 20.80 -15.04
N TYR C 76 7.40 21.22 -14.02
CA TYR C 76 7.85 21.17 -12.65
C TYR C 76 8.14 19.73 -12.24
N PHE C 77 7.15 18.84 -12.42
CA PHE C 77 7.29 17.42 -11.99
C PHE C 77 8.49 16.73 -12.63
N THR C 78 8.71 17.02 -13.91
CA THR C 78 9.74 16.31 -14.67
C THR C 78 11.12 16.95 -14.57
N GLY C 79 11.22 18.18 -14.08
CA GLY C 79 12.55 18.85 -14.07
C GLY C 79 12.96 19.40 -15.42
N ILE C 80 12.01 19.51 -16.33
CA ILE C 80 12.23 19.97 -17.68
C ILE C 80 12.41 21.52 -17.66
N LYS C 81 13.49 22.04 -18.29
CA LYS C 81 13.77 23.49 -18.25
C LYS C 81 12.79 24.31 -19.07
N VAL C 82 12.41 25.46 -18.55
CA VAL C 82 11.64 26.43 -19.31
C VAL C 82 12.67 27.27 -20.06
N SER C 83 12.51 27.36 -21.36
CA SER C 83 13.49 28.06 -22.20
C SER C 83 13.15 29.54 -22.19
N LYS C 84 11.94 29.87 -22.65
CA LYS C 84 11.45 31.24 -22.67
C LYS C 84 9.99 31.36 -22.25
N LEU C 85 9.64 32.54 -21.75
CA LEU C 85 8.29 32.92 -21.44
C LEU C 85 8.00 34.23 -22.15
N CYS C 86 6.78 34.36 -22.64
CA CYS C 86 6.27 35.65 -23.10
C CYS C 86 5.36 36.08 -22.00
N VAL C 87 5.62 37.26 -21.43
CA VAL C 87 4.89 37.71 -20.25
C VAL C 87 4.33 39.11 -20.39
N TRP C 88 3.19 39.29 -19.75
CA TRP C 88 2.60 40.59 -19.54
C TRP C 88 3.29 41.21 -18.33
N ASN C 89 3.96 42.33 -18.55
CA ASN C 89 4.77 43.03 -17.51
C ASN C 89 4.00 43.85 -16.51
N ASN C 90 2.72 44.06 -16.72
CA ASN C 90 1.92 44.86 -15.77
C ASN C 90 1.61 44.14 -14.47
N LYS C 91 1.13 42.92 -14.66
CA LYS C 91 0.70 42.04 -13.60
C LYS C 91 1.87 41.82 -12.66
N THR C 92 1.57 41.60 -11.40
CA THR C 92 2.62 41.22 -10.47
C THR C 92 2.08 40.05 -9.66
N PRO C 93 2.75 38.88 -9.71
CA PRO C 93 3.83 38.53 -10.63
C PRO C 93 3.36 38.69 -12.09
N ASN C 94 4.33 38.80 -12.99
CA ASN C 94 4.08 38.86 -14.43
C ASN C 94 3.32 37.60 -14.85
N SER C 95 2.34 37.76 -15.74
CA SER C 95 1.56 36.64 -16.19
C SER C 95 2.01 36.16 -17.57
N ILE C 96 1.83 34.88 -17.80
CA ILE C 96 2.41 34.17 -18.95
C ILE C 96 1.41 34.10 -20.07
N ALA C 97 1.81 34.60 -21.24
CA ALA C 97 1.03 34.50 -22.47
C ALA C 97 1.48 33.31 -23.34
N ALA C 98 2.75 32.91 -23.18
CA ALA C 98 3.34 31.85 -23.99
C ALA C 98 4.59 31.23 -23.36
N ILE C 99 4.90 30.01 -23.72
CA ILE C 99 6.04 29.32 -23.19
C ILE C 99 6.72 28.61 -24.30
N GLU C 100 8.06 28.50 -24.22
CA GLU C 100 8.90 27.65 -25.06
C GLU C 100 9.76 26.76 -24.17
N LEU C 101 9.72 25.46 -24.48
CA LEU C 101 10.58 24.47 -23.85
C LEU C 101 11.56 24.02 -24.91
N SER C 102 12.82 23.90 -24.56
CA SER C 102 13.79 23.57 -25.61
C SER C 102 15.02 22.84 -25.17
N ASN C 103 15.63 22.11 -26.10
CA ASN C 103 17.06 21.77 -26.07
C ASN C 103 17.84 22.63 -27.05
N ALA D 1 -10.82 2.44 -44.24
CA ALA D 1 -9.88 3.60 -44.18
C ALA D 1 -8.49 3.13 -44.51
N PRO D 2 -7.61 4.05 -44.94
CA PRO D 2 -6.23 3.63 -45.14
C PRO D 2 -5.58 3.30 -43.80
N GLN D 3 -4.57 2.47 -43.84
CA GLN D 3 -3.94 2.02 -42.60
C GLN D 3 -2.53 2.56 -42.37
N ASN D 4 -2.10 3.50 -43.20
CA ASN D 4 -0.81 4.14 -43.02
C ASN D 4 -0.88 5.63 -43.32
N ILE D 5 0.04 6.38 -42.73
CA ILE D 5 0.04 7.84 -42.86
C ILE D 5 0.16 8.29 -44.33
N THR D 6 0.89 7.53 -45.13
CA THR D 6 1.13 7.97 -46.51
C THR D 6 -0.16 8.04 -47.31
N GLU D 7 -0.99 7.01 -47.18
CA GLU D 7 -2.30 6.99 -47.84
C GLU D 7 -3.30 7.95 -47.22
N LEU D 8 -3.32 8.02 -45.89
CA LEU D 8 -4.14 9.01 -45.18
C LEU D 8 -3.85 10.42 -45.71
N CYS D 9 -2.57 10.74 -45.92
CA CYS D 9 -2.14 12.10 -46.32
C CYS D 9 -2.70 12.46 -47.70
N SER D 10 -2.71 11.47 -48.59
CA SER D 10 -3.17 11.65 -49.95
C SER D 10 -4.66 11.91 -50.02
N GLU D 11 -5.38 11.69 -48.90
CA GLU D 11 -6.81 11.99 -48.87
C GLU D 11 -7.12 13.48 -48.68
N TYR D 12 -6.15 14.23 -48.15
CA TYR D 12 -6.33 15.66 -47.92
C TYR D 12 -5.91 16.46 -49.15
N HIS D 13 -6.23 17.75 -49.18
CA HIS D 13 -5.82 18.62 -50.30
C HIS D 13 -4.56 19.34 -49.91
N ASN D 14 -3.58 19.42 -50.81
CA ASN D 14 -2.37 20.23 -50.63
C ASN D 14 -1.54 19.87 -49.40
N THR D 15 -1.36 18.58 -49.21
CA THR D 15 -0.57 18.06 -48.10
C THR D 15 0.65 17.32 -48.61
N GLN D 16 1.61 17.07 -47.75
CA GLN D 16 2.75 16.26 -48.13
C GLN D 16 3.30 15.56 -46.89
N ILE D 17 4.05 14.49 -47.13
CA ILE D 17 4.72 13.76 -46.04
C ILE D 17 6.15 14.30 -45.90
N TYR D 18 6.57 14.50 -44.64
CA TYR D 18 7.95 14.72 -44.32
C TYR D 18 8.37 13.56 -43.41
N GLU D 19 9.46 12.89 -43.76
CA GLU D 19 10.07 11.86 -42.91
C GLU D 19 11.18 12.47 -42.06
N LEU D 20 11.03 12.38 -40.74
CA LEU D 20 11.96 13.04 -39.82
C LEU D 20 12.80 12.05 -39.05
N ASN D 21 12.17 11.08 -38.39
CA ASN D 21 12.83 10.14 -37.50
C ASN D 21 13.71 10.84 -36.49
N LYS D 22 13.13 11.86 -35.85
CA LYS D 22 13.90 12.68 -34.93
C LYS D 22 13.01 13.08 -33.78
N GLU D 23 13.62 13.37 -32.64
CA GLU D 23 12.85 13.94 -31.52
C GLU D 23 12.64 15.45 -31.73
N ILE D 24 11.63 15.97 -31.06
CA ILE D 24 11.27 17.38 -31.17
C ILE D 24 12.30 18.18 -30.37
N LYS D 25 12.85 19.23 -30.97
CA LYS D 25 13.85 20.08 -30.35
C LYS D 25 13.23 21.21 -29.52
N THR D 26 12.15 21.79 -30.03
CA THR D 26 11.47 22.92 -29.38
CA THR D 26 11.46 22.86 -29.30
C THR D 26 9.96 22.67 -29.36
N TYR D 27 9.34 22.99 -28.24
CA TYR D 27 7.89 22.96 -28.09
C TYR D 27 7.44 24.32 -27.57
N THR D 28 6.49 24.93 -28.27
CA THR D 28 6.02 26.27 -27.97
C THR D 28 4.50 26.26 -27.90
N GLU D 29 3.92 26.94 -26.90
CA GLU D 29 2.48 27.15 -26.85
C GLU D 29 2.15 28.58 -26.43
N SER D 30 1.08 29.14 -27.00
CA SER D 30 0.69 30.51 -26.71
C SER D 30 -0.82 30.65 -26.62
N LEU D 31 -1.26 31.58 -25.77
CA LEU D 31 -2.69 31.72 -25.45
C LEU D 31 -3.39 32.34 -26.61
N ALA D 32 -4.55 31.78 -26.93
CA ALA D 32 -5.48 32.35 -27.91
C ALA D 32 -6.89 32.00 -27.44
N GLY D 33 -7.91 32.61 -28.01
CA GLY D 33 -9.27 32.24 -27.64
C GLY D 33 -9.60 30.80 -28.01
N TYR D 34 -10.19 30.08 -27.06
CA TYR D 34 -10.72 28.72 -27.24
C TYR D 34 -9.71 27.57 -27.41
N ARG D 35 -8.55 27.87 -28.00
CA ARG D 35 -7.44 26.92 -28.01
C ARG D 35 -6.09 27.57 -28.22
N GLU D 36 -5.07 26.99 -27.60
CA GLU D 36 -3.74 27.49 -27.71
C GLU D 36 -3.16 27.18 -29.08
N MET D 37 -2.28 28.06 -29.52
CA MET D 37 -1.41 27.74 -30.63
C MET D 37 -0.29 26.80 -30.11
N VAL D 38 0.04 25.78 -30.87
CA VAL D 38 1.08 24.82 -30.47
C VAL D 38 2.00 24.64 -31.67
N ILE D 39 3.29 24.92 -31.47
CA ILE D 39 4.29 24.89 -32.52
C ILE D 39 5.48 24.04 -32.08
N ILE D 40 5.94 23.15 -32.96
CA ILE D 40 7.10 22.33 -32.67
C ILE D 40 8.18 22.56 -33.71
N SER D 41 9.43 22.36 -33.31
CA SER D 41 10.50 22.39 -34.29
C SER D 41 11.50 21.30 -34.03
N PHE D 42 12.18 20.93 -35.12
CA PHE D 42 13.22 19.90 -35.12
C PHE D 42 14.62 20.53 -35.33
N ALA D 43 15.67 19.76 -35.07
CA ALA D 43 17.04 20.29 -35.14
C ALA D 43 17.45 20.75 -36.57
N ASN D 44 16.76 20.30 -37.62
CA ASN D 44 17.02 20.79 -39.00
C ASN D 44 16.29 22.07 -39.37
N GLY D 45 15.70 22.76 -38.39
CA GLY D 45 14.94 24.00 -38.66
C GLY D 45 13.46 23.82 -38.95
N ALA D 46 13.03 22.60 -39.30
CA ALA D 46 11.64 22.40 -39.73
C ALA D 46 10.67 22.71 -38.57
N THR D 47 9.70 23.55 -38.85
CA THR D 47 8.79 24.06 -37.81
C THR D 47 7.36 23.85 -38.24
N PHE D 48 6.51 23.35 -37.34
CA PHE D 48 5.17 22.94 -37.71
C PHE D 48 4.20 23.33 -36.63
N GLN D 49 2.92 23.54 -36.98
CA GLN D 49 1.92 23.87 -35.99
C GLN D 49 0.71 22.94 -36.04
N VAL D 50 0.03 22.83 -34.90
CA VAL D 50 -1.24 22.13 -34.82
C VAL D 50 -2.39 23.11 -34.98
N GLU D 51 -2.98 23.09 -36.17
CA GLU D 51 -4.08 23.95 -36.56
C GLU D 51 -4.76 23.28 -37.72
N VAL D 52 -6.09 23.25 -37.72
CA VAL D 52 -6.83 22.78 -38.87
C VAL D 52 -6.99 24.01 -39.78
N PRO D 53 -6.78 23.85 -41.10
CA PRO D 53 -7.01 25.00 -41.99
C PRO D 53 -8.45 25.49 -41.85
N GLY D 54 -8.63 26.80 -41.87
CA GLY D 54 -9.95 27.40 -41.69
C GLY D 54 -10.38 27.30 -40.24
N SER D 55 -9.39 27.38 -39.35
CA SER D 55 -9.59 27.15 -37.91
C SER D 55 -10.61 28.11 -37.28
N GLN D 56 -10.61 29.36 -37.72
CA GLN D 56 -11.48 30.40 -37.13
C GLN D 56 -12.94 30.13 -37.43
N HIS D 57 -13.22 29.45 -38.55
CA HIS D 57 -14.58 29.17 -38.93
C HIS D 57 -15.03 27.89 -38.27
N GLU D 59 -16.43 25.90 -35.37
CA GLU D 59 -17.16 26.08 -34.10
C GLU D 59 -16.14 26.05 -32.93
N SER D 60 -16.24 27.06 -32.09
CA SER D 60 -15.22 27.37 -31.09
C SER D 60 -14.91 26.28 -30.12
N GLN D 61 -15.91 25.46 -29.81
CA GLN D 61 -15.74 24.37 -28.86
C GLN D 61 -15.38 23.03 -29.54
N LYS D 62 -15.33 23.01 -30.87
CA LYS D 62 -14.85 21.84 -31.58
C LYS D 62 -13.34 21.98 -31.79
N ARG D 63 -12.62 20.97 -31.31
CA ARG D 63 -11.16 21.02 -31.26
C ARG D 63 -10.62 19.74 -31.86
N PRO D 64 -10.71 19.64 -33.19
CA PRO D 64 -10.38 18.35 -33.78
C PRO D 64 -8.98 17.80 -33.47
N LEU D 65 -7.99 18.68 -33.28
CA LEU D 65 -6.61 18.27 -33.04
C LEU D 65 -6.13 18.46 -31.61
N GLU D 66 -7.05 18.48 -30.64
CA GLU D 66 -6.64 18.57 -29.23
C GLU D 66 -5.83 17.32 -28.86
N ARG D 67 -6.22 16.17 -29.40
CA ARG D 67 -5.43 14.94 -29.19
C ARG D 67 -3.98 15.12 -29.65
N MET D 68 -3.80 15.65 -30.85
CA MET D 68 -2.48 15.86 -31.44
C MET D 68 -1.61 16.81 -30.60
N LYS D 69 -2.22 17.86 -30.06
CA LYS D 69 -1.52 18.75 -29.18
C LYS D 69 -0.99 18.01 -27.94
N ASP D 70 -1.81 17.16 -27.33
CA ASP D 70 -1.35 16.35 -26.21
C ASP D 70 -0.25 15.40 -26.62
N THR D 71 -0.40 14.79 -27.79
CA THR D 71 0.62 13.87 -28.27
C THR D 71 1.98 14.50 -28.52
N LEU D 72 1.99 15.64 -29.18
CA LEU D 72 3.25 16.29 -29.51
C LEU D 72 3.90 16.81 -28.23
N ARG D 73 3.09 17.34 -27.32
CA ARG D 73 3.63 17.73 -26.02
C ARG D 73 4.29 16.56 -25.28
N ALA D 74 3.60 15.42 -25.23
CA ALA D 74 4.16 14.26 -24.56
C ALA D 74 5.45 13.75 -25.25
N ALA D 75 5.48 13.79 -26.59
CA ALA D 75 6.64 13.37 -27.38
C ALA D 75 7.83 14.28 -27.03
N TYR D 76 7.56 15.58 -26.97
CA TYR D 76 8.59 16.53 -26.55
C TYR D 76 9.15 16.16 -25.15
N PHE D 77 8.27 16.00 -24.17
CA PHE D 77 8.70 15.70 -22.80
C PHE D 77 9.47 14.38 -22.69
N THR D 78 9.11 13.39 -23.51
CA THR D 78 9.65 12.04 -23.37
C THR D 78 10.86 11.75 -24.30
N GLY D 79 11.12 12.64 -25.25
CA GLY D 79 12.11 12.40 -26.29
C GLY D 79 11.73 11.33 -27.30
N ILE D 80 10.45 11.01 -27.40
CA ILE D 80 9.96 9.98 -28.31
C ILE D 80 10.19 10.45 -29.73
N LYS D 81 10.62 9.55 -30.62
CA LYS D 81 10.94 9.97 -32.01
C LYS D 81 9.69 10.17 -32.85
N VAL D 82 9.64 11.27 -33.61
CA VAL D 82 8.61 11.42 -34.62
C VAL D 82 9.09 10.85 -35.93
N SER D 83 8.36 9.89 -36.49
CA SER D 83 8.77 9.24 -37.75
C SER D 83 8.44 10.08 -38.95
N LYS D 84 7.15 10.38 -39.12
CA LYS D 84 6.61 11.10 -40.29
C LYS D 84 5.55 12.08 -39.83
N LEU D 85 5.44 13.18 -40.58
CA LEU D 85 4.32 14.09 -40.42
C LEU D 85 3.68 14.29 -41.77
N CYS D 86 2.35 14.32 -41.78
CA CYS D 86 1.62 14.77 -42.95
C CYS D 86 1.21 16.23 -42.68
N VAL D 87 1.62 17.15 -43.53
CA VAL D 87 1.40 18.58 -43.31
C VAL D 87 0.79 19.25 -44.52
N TRP D 88 0.01 20.30 -44.26
CA TRP D 88 -0.50 21.14 -45.31
C TRP D 88 0.55 22.15 -45.80
N ASN D 89 0.64 22.27 -47.11
CA ASN D 89 1.55 23.24 -47.73
C ASN D 89 0.97 24.66 -47.73
N ASN D 90 1.87 25.61 -47.99
CA ASN D 90 1.55 26.98 -48.39
C ASN D 90 1.23 27.98 -47.28
N LYS D 91 1.33 27.54 -46.04
CA LYS D 91 1.32 28.48 -44.92
C LYS D 91 2.32 27.98 -43.90
N THR D 92 3.10 28.87 -43.35
CA THR D 92 4.12 28.48 -42.35
C THR D 92 3.82 29.12 -41.02
N PRO D 93 4.19 28.45 -39.92
CA PRO D 93 4.70 27.08 -39.89
C PRO D 93 3.62 26.13 -40.37
N ASN D 94 3.98 25.07 -41.08
CA ASN D 94 2.98 24.25 -41.73
C ASN D 94 2.08 23.53 -40.72
N SER D 95 0.78 23.49 -41.00
CA SER D 95 -0.21 22.75 -40.19
C SER D 95 -0.12 21.23 -40.36
N ILE D 96 -0.17 20.53 -39.23
CA ILE D 96 -0.04 19.10 -39.18
C ILE D 96 -1.44 18.47 -39.29
N ALA D 97 -1.58 17.54 -40.23
CA ALA D 97 -2.78 16.71 -40.41
C ALA D 97 -2.67 15.33 -39.72
N ALA D 98 -1.48 14.78 -39.69
CA ALA D 98 -1.26 13.44 -39.15
C ALA D 98 0.16 13.29 -38.73
N ILE D 99 0.38 12.42 -37.74
CA ILE D 99 1.70 12.10 -37.26
C ILE D 99 1.85 10.56 -37.14
N GLU D 100 3.05 10.07 -37.41
CA GLU D 100 3.40 8.70 -37.12
C GLU D 100 4.58 8.67 -36.16
N LEU D 101 4.43 7.88 -35.10
CA LEU D 101 5.48 7.65 -34.12
C LEU D 101 5.95 6.21 -34.29
N SER D 102 7.26 6.07 -34.36
CA SER D 102 7.94 4.82 -34.55
C SER D 102 9.45 5.12 -34.35
N ASN D 103 10.24 4.10 -34.09
CA ASN D 103 11.70 4.30 -34.24
C ASN D 103 12.50 3.07 -34.56
N ALA E 1 -22.13 -10.58 -15.01
CA ALA E 1 -21.60 -9.72 -16.11
C ALA E 1 -20.26 -10.30 -16.60
N PRO E 2 -19.83 -9.91 -17.82
CA PRO E 2 -18.54 -10.42 -18.32
C PRO E 2 -17.39 -10.00 -17.42
N GLN E 3 -16.45 -10.90 -17.18
CA GLN E 3 -15.35 -10.68 -16.25
C GLN E 3 -14.00 -10.62 -16.94
N ASN E 4 -13.97 -10.84 -18.25
CA ASN E 4 -12.75 -10.80 -19.04
C ASN E 4 -13.02 -10.42 -20.50
N ILE E 5 -11.96 -10.18 -21.27
CA ILE E 5 -12.10 -9.70 -22.62
C ILE E 5 -12.78 -10.73 -23.56
N THR E 6 -12.57 -12.02 -23.36
CA THR E 6 -13.17 -13.01 -24.22
C THR E 6 -14.72 -13.01 -24.03
N GLU E 7 -15.19 -12.84 -22.79
CA GLU E 7 -16.61 -12.77 -22.51
C GLU E 7 -17.20 -11.48 -23.06
N LEU E 8 -16.50 -10.36 -22.86
CA LEU E 8 -16.95 -9.08 -23.41
C LEU E 8 -17.07 -9.19 -24.91
N CYS E 9 -16.06 -9.79 -25.54
CA CYS E 9 -15.99 -9.80 -26.99
C CYS E 9 -17.17 -10.54 -27.67
N SER E 10 -17.62 -11.61 -27.03
CA SER E 10 -18.75 -12.42 -27.47
C SER E 10 -20.08 -11.70 -27.45
N GLU E 11 -20.18 -10.59 -26.72
CA GLU E 11 -21.43 -9.80 -26.68
C GLU E 11 -21.61 -8.86 -27.86
N TYR E 12 -20.54 -8.58 -28.59
CA TYR E 12 -20.60 -7.82 -29.85
C TYR E 12 -20.92 -8.76 -31.02
N HIS E 13 -21.25 -8.16 -32.16
CA HIS E 13 -21.37 -8.86 -33.43
C HIS E 13 -20.16 -8.59 -34.30
N ASN E 14 -19.76 -9.60 -35.09
CA ASN E 14 -18.66 -9.47 -36.04
C ASN E 14 -17.34 -9.06 -35.38
N THR E 15 -17.03 -9.70 -34.26
CA THR E 15 -15.79 -9.48 -33.55
C THR E 15 -15.00 -10.77 -33.40
N GLN E 16 -13.70 -10.63 -33.16
CA GLN E 16 -12.83 -11.75 -32.74
C GLN E 16 -11.70 -11.25 -31.85
N ILE E 17 -11.05 -12.16 -31.17
CA ILE E 17 -9.99 -11.84 -30.23
C ILE E 17 -8.68 -12.13 -30.97
N TYR E 18 -7.78 -11.18 -30.91
CA TYR E 18 -6.40 -11.45 -31.24
C TYR E 18 -5.55 -11.45 -29.98
N GLU E 19 -4.75 -12.51 -29.77
CA GLU E 19 -3.83 -12.54 -28.68
C GLU E 19 -2.46 -12.18 -29.24
N LEU E 20 -1.88 -11.11 -28.73
CA LEU E 20 -0.67 -10.56 -29.28
C LEU E 20 0.54 -10.65 -28.36
N ASN E 21 0.43 -10.18 -27.11
CA ASN E 21 1.50 -10.18 -26.14
C ASN E 21 2.75 -9.49 -26.68
N LYS E 22 2.54 -8.32 -27.28
CA LYS E 22 3.58 -7.57 -27.96
C LYS E 22 3.36 -6.08 -27.72
N GLU E 23 4.44 -5.35 -27.73
CA GLU E 23 4.37 -3.90 -27.64
C GLU E 23 3.97 -3.38 -28.99
N ILE E 24 3.40 -2.19 -29.00
CA ILE E 24 3.06 -1.52 -30.26
C ILE E 24 4.31 -0.98 -30.95
N LYS E 25 4.47 -1.30 -32.25
CA LYS E 25 5.63 -0.85 -33.03
C LYS E 25 5.43 0.53 -33.62
N THR E 26 4.24 0.80 -34.17
CA THR E 26 3.99 2.08 -34.82
CA THR E 26 4.02 2.12 -34.73
C THR E 26 2.65 2.66 -34.34
N TYR E 27 2.61 3.97 -34.17
CA TYR E 27 1.43 4.67 -33.73
C TYR E 27 1.17 5.83 -34.64
N THR E 28 -0.05 5.94 -35.16
CA THR E 28 -0.41 7.00 -36.10
C THR E 28 -1.70 7.64 -35.62
N GLU E 29 -1.79 8.96 -35.70
CA GLU E 29 -3.08 9.63 -35.53
C GLU E 29 -3.26 10.65 -36.65
N SER E 30 -4.51 10.81 -37.09
CA SER E 30 -4.81 11.66 -38.25
C SER E 30 -6.15 12.32 -38.12
N LEU E 31 -6.23 13.57 -38.58
CA LEU E 31 -7.51 14.28 -38.67
C LEU E 31 -8.53 13.48 -39.48
N ALA E 32 -9.70 13.27 -38.90
CA ALA E 32 -10.77 12.55 -39.59
C ALA E 32 -12.06 13.20 -39.15
N GLY E 33 -12.49 14.23 -39.86
CA GLY E 33 -13.68 14.94 -39.47
C GLY E 33 -13.40 15.85 -38.31
N TYR E 34 -14.19 15.72 -37.25
CA TYR E 34 -14.04 16.57 -36.06
C TYR E 34 -13.22 15.93 -34.92
N ARG E 35 -12.68 14.74 -35.19
CA ARG E 35 -11.76 14.07 -34.25
C ARG E 35 -10.56 13.46 -35.01
N GLU E 36 -9.84 12.55 -34.36
CA GLU E 36 -8.76 11.86 -35.00
C GLU E 36 -8.95 10.35 -34.99
N MET E 37 -8.61 9.72 -36.10
CA MET E 37 -8.43 8.29 -36.13
C MET E 37 -7.06 7.94 -35.55
N VAL E 38 -6.99 6.81 -34.86
CA VAL E 38 -5.74 6.28 -34.33
C VAL E 38 -5.53 4.90 -34.97
N ILE E 39 -4.30 4.63 -35.41
CA ILE E 39 -3.92 3.34 -35.99
C ILE E 39 -2.68 2.84 -35.20
N ILE E 40 -2.70 1.59 -34.81
CA ILE E 40 -1.55 0.96 -34.19
C ILE E 40 -1.11 -0.25 -35.04
N SER E 41 0.20 -0.52 -35.05
CA SER E 41 0.69 -1.73 -35.69
CA SER E 41 0.75 -1.68 -35.75
C SER E 41 1.77 -2.43 -34.89
N PHE E 42 1.84 -3.75 -35.11
CA PHE E 42 2.73 -4.61 -34.42
C PHE E 42 3.78 -5.18 -35.38
N ALA E 43 4.95 -5.49 -34.83
CA ALA E 43 6.13 -5.94 -35.61
C ALA E 43 5.80 -7.27 -36.25
N ASN E 44 6.11 -7.46 -37.51
CA ASN E 44 5.70 -8.73 -38.17
C ASN E 44 4.21 -9.10 -37.96
N GLY E 45 3.35 -8.09 -37.90
CA GLY E 45 1.99 -8.30 -37.47
C GLY E 45 0.98 -7.30 -37.99
N ALA E 46 -0.11 -7.24 -37.27
CA ALA E 46 -1.35 -6.64 -37.70
C ALA E 46 -1.40 -5.15 -37.42
N THR E 47 -2.34 -4.50 -38.11
CA THR E 47 -2.64 -3.11 -37.97
C THR E 47 -4.10 -3.04 -37.54
N PHE E 48 -4.40 -2.17 -36.57
CA PHE E 48 -5.76 -1.98 -36.08
C PHE E 48 -6.06 -0.50 -35.92
N GLN E 49 -7.32 -0.14 -35.94
CA GLN E 49 -7.73 1.28 -35.72
C GLN E 49 -8.65 1.42 -34.53
N VAL E 50 -8.71 2.65 -34.03
CA VAL E 50 -9.82 3.13 -33.26
C VAL E 50 -10.55 4.09 -34.18
N GLU E 51 -11.78 3.72 -34.46
CA GLU E 51 -12.53 4.37 -35.52
C GLU E 51 -13.12 5.69 -35.09
N VAL E 52 -13.52 6.43 -36.11
CA VAL E 52 -14.18 7.70 -35.90
C VAL E 52 -15.63 7.50 -36.38
N LYS E 62 -19.09 9.47 -28.17
CA LYS E 62 -17.76 9.96 -28.53
C LYS E 62 -16.72 9.65 -27.46
N ARG E 63 -17.10 9.79 -26.21
CA ARG E 63 -16.19 9.80 -25.08
C ARG E 63 -15.49 8.47 -24.88
N PRO E 64 -16.24 7.36 -24.95
CA PRO E 64 -15.56 6.07 -24.76
C PRO E 64 -14.42 5.82 -25.76
N LEU E 65 -14.62 6.19 -27.03
CA LEU E 65 -13.55 6.03 -28.02
C LEU E 65 -12.34 6.87 -27.64
N GLU E 66 -12.58 8.04 -27.04
CA GLU E 66 -11.45 8.88 -26.64
C GLU E 66 -10.62 8.22 -25.53
N ARG E 67 -11.25 7.55 -24.58
CA ARG E 67 -10.49 6.82 -23.55
C ARG E 67 -9.61 5.71 -24.14
N MET E 68 -10.16 4.89 -25.05
CA MET E 68 -9.39 3.84 -25.73
CA MET E 68 -9.39 3.85 -25.71
C MET E 68 -8.19 4.42 -26.45
N LYS E 69 -8.38 5.52 -27.16
CA LYS E 69 -7.27 6.21 -27.87
C LYS E 69 -6.17 6.62 -26.91
N ASP E 70 -6.58 7.14 -25.74
CA ASP E 70 -5.64 7.53 -24.65
C ASP E 70 -4.90 6.31 -24.13
N THR E 71 -5.61 5.22 -23.92
CA THR E 71 -4.96 3.98 -23.50
C THR E 71 -3.92 3.45 -24.50
N LEU E 72 -4.26 3.43 -25.76
CA LEU E 72 -3.32 2.93 -26.77
C LEU E 72 -2.11 3.84 -26.93
N ARG E 73 -2.33 5.14 -26.81
CA ARG E 73 -1.21 6.09 -26.86
C ARG E 73 -0.23 5.86 -25.72
N ALA E 74 -0.79 5.74 -24.52
CA ALA E 74 -0.01 5.51 -23.31
C ALA E 74 0.77 4.19 -23.43
N ALA E 75 0.12 3.15 -23.95
CA ALA E 75 0.78 1.87 -24.21
C ALA E 75 1.99 2.05 -25.14
N TYR E 76 1.80 2.81 -26.21
CA TYR E 76 2.87 3.03 -27.16
C TYR E 76 4.06 3.73 -26.51
N PHE E 77 3.79 4.83 -25.79
CA PHE E 77 4.85 5.62 -25.20
C PHE E 77 5.63 4.84 -24.15
N THR E 78 4.95 3.99 -23.41
CA THR E 78 5.57 3.23 -22.32
C THR E 78 6.16 1.92 -22.74
N GLY E 79 5.85 1.47 -23.96
CA GLY E 79 6.34 0.17 -24.46
C GLY E 79 5.71 -1.00 -23.69
N ILE E 80 4.58 -0.79 -23.02
CA ILE E 80 3.93 -1.93 -22.38
C ILE E 80 3.31 -2.91 -23.43
N LYS E 81 3.30 -4.17 -23.07
CA LYS E 81 2.69 -5.19 -23.93
C LYS E 81 1.17 -5.09 -23.97
N VAL E 82 0.61 -5.15 -25.18
CA VAL E 82 -0.81 -5.35 -25.39
C VAL E 82 -1.01 -6.88 -25.40
N SER E 83 -1.84 -7.37 -24.48
CA SER E 83 -2.10 -8.81 -24.40
C SER E 83 -3.10 -9.28 -25.44
N LYS E 84 -4.33 -8.77 -25.38
CA LYS E 84 -5.37 -9.15 -26.33
C LYS E 84 -6.12 -7.92 -26.82
N LEU E 85 -6.63 -8.03 -28.05
CA LEU E 85 -7.59 -7.06 -28.59
C LEU E 85 -8.83 -7.80 -29.05
N CYS E 86 -9.99 -7.22 -28.81
CA CYS E 86 -11.22 -7.63 -29.42
C CYS E 86 -11.49 -6.60 -30.51
N VAL E 87 -11.67 -7.06 -31.75
CA VAL E 87 -11.81 -6.16 -32.87
C VAL E 87 -12.97 -6.59 -33.75
N TRP E 88 -13.61 -5.58 -34.33
CA TRP E 88 -14.61 -5.76 -35.36
C TRP E 88 -13.87 -6.12 -36.64
N ASN E 89 -14.23 -7.28 -37.20
CA ASN E 89 -13.55 -7.77 -38.40
C ASN E 89 -14.23 -7.41 -39.71
N ASN E 90 -15.15 -6.46 -39.67
CA ASN E 90 -15.81 -5.96 -40.87
C ASN E 90 -15.44 -4.51 -41.11
N LYS E 91 -14.28 -4.13 -40.61
CA LYS E 91 -13.69 -2.82 -40.80
C LYS E 91 -12.27 -2.99 -41.30
N THR E 92 -11.76 -1.94 -41.95
CA THR E 92 -10.40 -1.92 -42.51
C THR E 92 -9.65 -0.63 -42.09
N PRO E 93 -8.52 -0.77 -41.37
CA PRO E 93 -8.12 -2.00 -40.67
C PRO E 93 -9.19 -2.41 -39.61
N ASN E 94 -9.08 -3.60 -39.04
CA ASN E 94 -10.01 -4.01 -38.00
C ASN E 94 -10.04 -2.95 -36.87
N SER E 95 -11.22 -2.82 -36.27
CA SER E 95 -11.54 -1.75 -35.37
C SER E 95 -11.65 -2.26 -33.92
N ILE E 96 -10.95 -1.58 -33.01
CA ILE E 96 -10.79 -2.04 -31.66
C ILE E 96 -12.05 -1.78 -30.81
N ALA E 97 -12.59 -2.84 -30.24
CA ALA E 97 -13.71 -2.78 -29.32
C ALA E 97 -13.28 -2.87 -27.84
N ALA E 98 -12.20 -3.59 -27.56
CA ALA E 98 -11.77 -3.83 -26.20
C ALA E 98 -10.31 -4.17 -26.22
N ILE E 99 -9.66 -3.90 -25.09
CA ILE E 99 -8.23 -4.15 -24.93
C ILE E 99 -7.98 -4.79 -23.59
N GLU E 100 -7.09 -5.79 -23.58
CA GLU E 100 -6.54 -6.38 -22.38
C GLU E 100 -5.06 -6.10 -22.27
N LEU E 101 -4.65 -5.56 -21.12
CA LEU E 101 -3.25 -5.40 -20.79
C LEU E 101 -2.97 -6.32 -19.62
N SER E 102 -1.92 -7.11 -19.72
CA SER E 102 -1.71 -8.11 -18.73
C SER E 102 -0.27 -8.39 -18.32
N ASN E 103 -0.13 -8.52 -17.00
CA ASN E 103 1.15 -8.65 -16.27
C ASN E 103 1.43 -10.13 -16.02
N ALA F 1 -9.48 -29.56 -1.46
CA ALA F 1 -8.05 -29.32 -1.08
C ALA F 1 -7.44 -30.53 -0.36
N PRO F 2 -6.10 -30.60 -0.29
CA PRO F 2 -5.45 -31.68 0.44
C PRO F 2 -5.94 -31.71 1.88
N GLN F 3 -6.02 -32.90 2.47
CA GLN F 3 -6.48 -33.06 3.86
C GLN F 3 -5.39 -33.37 4.88
N ASN F 4 -4.17 -33.58 4.38
CA ASN F 4 -3.05 -33.90 5.22
C ASN F 4 -1.77 -33.60 4.46
N ILE F 5 -0.64 -33.74 5.14
CA ILE F 5 0.65 -33.38 4.57
C ILE F 5 1.06 -34.28 3.38
N THR F 6 0.69 -35.55 3.41
CA THR F 6 1.00 -36.47 2.28
C THR F 6 0.32 -36.05 0.98
N GLU F 7 -0.97 -35.72 1.06
CA GLU F 7 -1.69 -35.21 -0.10
C GLU F 7 -1.12 -33.90 -0.63
N LEU F 8 -0.82 -32.97 0.28
CA LEU F 8 -0.31 -31.71 -0.21
C LEU F 8 1.10 -31.88 -0.81
N CYS F 9 1.90 -32.74 -0.20
CA CYS F 9 3.27 -32.93 -0.69
C CYS F 9 3.25 -33.56 -2.08
N SER F 10 2.27 -34.41 -2.34
CA SER F 10 2.15 -35.03 -3.65
C SER F 10 1.82 -33.98 -4.73
N GLU F 11 1.38 -32.79 -4.34
CA GLU F 11 0.98 -31.80 -5.35
C GLU F 11 2.17 -31.05 -5.97
N TYR F 12 3.37 -31.25 -5.44
CA TYR F 12 4.50 -30.47 -5.93
C TYR F 12 5.66 -31.23 -6.52
N HIS F 13 6.36 -30.56 -7.43
CA HIS F 13 7.47 -31.15 -8.16
C HIS F 13 8.70 -31.30 -7.23
N ASN F 14 9.29 -32.49 -7.21
CA ASN F 14 10.54 -32.78 -6.49
C ASN F 14 10.49 -32.53 -4.99
N THR F 15 9.33 -32.78 -4.38
CA THR F 15 9.23 -32.85 -2.93
C THR F 15 9.15 -34.29 -2.43
N GLN F 16 9.41 -34.47 -1.15
CA GLN F 16 9.25 -35.76 -0.51
C GLN F 16 8.94 -35.61 0.97
N ILE F 17 8.29 -36.62 1.53
CA ILE F 17 7.96 -36.62 2.96
C ILE F 17 9.06 -37.34 3.71
N TYR F 18 9.51 -36.74 4.81
CA TYR F 18 10.33 -37.41 5.79
C TYR F 18 9.50 -37.54 7.06
N GLU F 19 9.41 -38.76 7.59
CA GLU F 19 8.75 -38.99 8.87
C GLU F 19 9.78 -38.98 9.99
N LEU F 20 9.54 -38.13 11.00
CA LEU F 20 10.50 -37.87 12.06
C LEU F 20 9.99 -38.32 13.44
N ASN F 21 8.88 -37.75 13.90
CA ASN F 21 8.39 -37.94 15.27
C ASN F 21 9.47 -37.67 16.31
N LYS F 22 10.13 -36.52 16.18
CA LYS F 22 11.23 -36.13 17.07
C LYS F 22 11.13 -34.64 17.39
N GLU F 23 11.66 -34.25 18.52
CA GLU F 23 11.76 -32.83 18.84
C GLU F 23 13.02 -32.24 18.17
N ILE F 24 13.01 -30.93 17.95
CA ILE F 24 14.12 -30.25 17.29
C ILE F 24 15.26 -30.18 18.28
N LYS F 25 16.45 -30.58 17.85
CA LYS F 25 17.60 -30.55 18.72
C LYS F 25 18.36 -29.21 18.62
N THR F 26 18.42 -28.62 17.44
CA THR F 26 19.12 -27.35 17.26
C THR F 26 18.37 -26.42 16.33
N TYR F 27 18.31 -25.14 16.72
CA TYR F 27 17.67 -24.10 15.97
C TYR F 27 18.70 -22.99 15.73
N THR F 28 18.87 -22.66 14.46
CA THR F 28 19.83 -21.62 14.04
C THR F 28 19.15 -20.65 13.13
N GLU F 29 19.38 -19.35 13.37
CA GLU F 29 18.83 -18.29 12.54
C GLU F 29 19.85 -17.16 12.36
N SER F 30 19.87 -16.55 11.17
CA SER F 30 20.71 -15.40 10.92
C SER F 30 19.81 -14.21 10.63
N LEU F 31 20.40 -13.03 10.61
CA LEU F 31 19.67 -11.76 10.41
C LEU F 31 19.00 -11.66 9.05
N ALA F 32 17.95 -10.84 8.99
CA ALA F 32 17.27 -10.52 7.73
C ALA F 32 18.29 -9.89 6.79
N GLY F 33 18.23 -10.27 5.52
CA GLY F 33 19.16 -9.79 4.54
C GLY F 33 19.35 -10.92 3.55
N TYR F 34 20.25 -10.78 2.60
CA TYR F 34 20.39 -11.81 1.58
C TYR F 34 20.90 -13.16 2.14
N ARG F 35 21.54 -13.11 3.30
CA ARG F 35 22.10 -14.31 3.94
C ARG F 35 21.19 -14.92 5.04
N GLU F 36 19.94 -14.46 5.10
CA GLU F 36 18.98 -14.90 6.11
C GLU F 36 18.68 -16.37 5.90
N MET F 37 18.86 -17.14 6.98
CA MET F 37 18.52 -18.54 7.03
C MET F 37 17.82 -18.85 8.36
N VAL F 38 17.00 -19.88 8.33
CA VAL F 38 16.61 -20.65 9.53
C VAL F 38 16.93 -22.10 9.23
N ILE F 39 17.67 -22.72 10.14
CA ILE F 39 18.11 -24.06 10.00
C ILE F 39 17.77 -24.83 11.27
N ILE F 40 17.19 -26.01 11.07
CA ILE F 40 16.88 -26.89 12.16
C ILE F 40 17.54 -28.24 11.94
N SER F 41 17.99 -28.85 13.03
CA SER F 41 18.55 -30.19 13.00
CA SER F 41 18.57 -30.19 13.02
C SER F 41 17.98 -31.05 14.12
N PHE F 42 17.89 -32.35 13.85
CA PHE F 42 17.46 -33.35 14.83
C PHE F 42 18.61 -34.21 15.29
N ALA F 43 18.36 -34.99 16.34
CA ALA F 43 19.35 -35.87 16.95
C ALA F 43 20.09 -36.77 15.97
N ASN F 44 19.40 -37.25 14.96
CA ASN F 44 20.01 -38.18 14.00
C ASN F 44 20.82 -37.49 12.89
N GLY F 45 20.96 -36.15 12.98
CA GLY F 45 21.77 -35.39 12.05
C GLY F 45 20.98 -34.77 10.92
N ALA F 46 19.73 -35.17 10.77
CA ALA F 46 18.87 -34.63 9.74
C ALA F 46 18.69 -33.13 9.94
N THR F 47 18.93 -32.38 8.89
CA THR F 47 19.02 -30.92 8.96
C THR F 47 18.17 -30.34 7.83
N PHE F 48 17.43 -29.31 8.16
CA PHE F 48 16.53 -28.67 7.19
C PHE F 48 16.60 -27.17 7.31
N GLN F 49 16.17 -26.49 6.24
CA GLN F 49 16.08 -25.05 6.22
C GLN F 49 14.72 -24.57 5.74
N VAL F 50 14.40 -23.32 6.05
CA VAL F 50 13.31 -22.57 5.45
C VAL F 50 14.02 -21.59 4.53
N GLU F 51 13.74 -21.66 3.25
CA GLU F 51 14.48 -20.79 2.32
C GLU F 51 14.05 -19.32 2.38
N LYS F 62 6.58 -14.88 1.21
CA LYS F 62 6.93 -13.87 2.23
C LYS F 62 6.39 -14.19 3.63
N ARG F 63 5.12 -13.85 3.88
CA ARG F 63 4.46 -14.08 5.18
C ARG F 63 4.30 -15.57 5.48
N PRO F 64 4.06 -16.38 4.43
CA PRO F 64 4.10 -17.82 4.69
C PRO F 64 5.46 -18.23 5.21
N LEU F 65 6.51 -17.60 4.65
CA LEU F 65 7.88 -17.90 5.10
C LEU F 65 8.05 -17.49 6.57
N GLU F 66 7.62 -16.28 6.91
CA GLU F 66 7.65 -15.78 8.31
C GLU F 66 6.97 -16.80 9.23
N ARG F 67 5.77 -17.20 8.84
CA ARG F 67 4.95 -18.09 9.66
C ARG F 67 5.66 -19.40 9.95
N MET F 68 6.26 -20.00 8.93
CA MET F 68 6.92 -21.29 9.07
C MET F 68 8.15 -21.21 10.00
N LYS F 69 8.92 -20.14 9.84
CA LYS F 69 10.04 -19.87 10.70
C LYS F 69 9.56 -19.77 12.17
N ASP F 70 8.48 -19.06 12.38
CA ASP F 70 7.90 -18.87 13.74
C ASP F 70 7.46 -20.20 14.33
N THR F 71 6.86 -21.04 13.48
CA THR F 71 6.42 -22.36 13.90
C THR F 71 7.60 -23.23 14.34
N LEU F 72 8.65 -23.27 13.52
CA LEU F 72 9.84 -24.03 13.89
C LEU F 72 10.47 -23.52 15.18
N ARG F 73 10.54 -22.19 15.34
CA ARG F 73 11.15 -21.61 16.54
C ARG F 73 10.35 -21.97 17.79
N ALA F 74 9.04 -21.86 17.69
CA ALA F 74 8.18 -22.24 18.78
C ALA F 74 8.31 -23.75 19.10
N ALA F 75 8.38 -24.59 18.05
CA ALA F 75 8.60 -26.06 18.27
C ALA F 75 9.90 -26.31 19.01
N TYR F 76 10.96 -25.62 18.63
CA TYR F 76 12.20 -25.77 19.38
C TYR F 76 12.03 -25.34 20.85
N PHE F 77 11.52 -24.14 21.07
CA PHE F 77 11.40 -23.58 22.44
C PHE F 77 10.60 -24.46 23.35
N THR F 78 9.55 -25.05 22.81
CA THR F 78 8.62 -25.84 23.59
C THR F 78 8.94 -27.33 23.65
N GLY F 79 9.81 -27.84 22.78
CA GLY F 79 10.07 -29.29 22.67
C GLY F 79 8.92 -30.10 22.07
N ILE F 80 8.05 -29.46 21.30
CA ILE F 80 6.94 -30.12 20.60
C ILE F 80 7.55 -31.05 19.51
N LYS F 81 6.94 -32.20 19.29
CA LYS F 81 7.45 -33.15 18.30
C LYS F 81 7.05 -32.75 16.89
N VAL F 82 7.97 -32.89 15.95
CA VAL F 82 7.65 -32.67 14.57
C VAL F 82 7.36 -34.07 14.05
N SER F 83 6.18 -34.23 13.49
CA SER F 83 5.74 -35.53 13.02
C SER F 83 6.31 -35.77 11.63
N LYS F 84 6.04 -34.88 10.71
CA LYS F 84 6.51 -35.05 9.32
C LYS F 84 6.92 -33.74 8.70
N LEU F 85 7.84 -33.83 7.76
CA LEU F 85 8.21 -32.67 6.94
C LEU F 85 8.03 -33.06 5.50
N CYS F 86 7.40 -32.19 4.72
CA CYS F 86 7.42 -32.23 3.24
C CYS F 86 8.51 -31.28 2.81
N VAL F 87 9.51 -31.78 2.09
CA VAL F 87 10.68 -30.98 1.74
C VAL F 87 11.00 -31.04 0.24
N TRP F 88 11.63 -29.99 -0.28
CA TRP F 88 12.24 -30.04 -1.60
C TRP F 88 13.62 -30.63 -1.43
N ASN F 89 13.92 -31.72 -2.11
CA ASN F 89 15.23 -32.30 -1.88
C ASN F 89 16.23 -32.00 -2.97
N ASN F 90 15.99 -30.95 -3.74
CA ASN F 90 16.97 -30.47 -4.67
C ASN F 90 17.77 -29.34 -4.03
N LYS F 91 18.00 -29.44 -2.72
CA LYS F 91 18.67 -28.37 -1.96
C LYS F 91 19.36 -28.99 -0.81
N THR F 92 20.45 -28.39 -0.36
CA THR F 92 21.13 -28.81 0.84
C THR F 92 21.37 -27.61 1.73
N PRO F 93 20.82 -27.60 2.97
CA PRO F 93 19.92 -28.63 3.47
C PRO F 93 18.64 -28.65 2.68
N ASN F 94 17.88 -29.74 2.73
CA ASN F 94 16.56 -29.73 2.12
C ASN F 94 15.72 -28.61 2.68
N SER F 95 14.96 -28.00 1.80
CA SER F 95 14.08 -26.89 2.12
C SER F 95 12.68 -27.38 2.50
N ILE F 96 12.12 -26.87 3.60
CA ILE F 96 10.82 -27.30 4.11
C ILE F 96 9.68 -26.67 3.31
N ALA F 97 8.81 -27.51 2.78
CA ALA F 97 7.63 -27.08 2.09
C ALA F 97 6.40 -27.09 3.05
N ALA F 98 6.34 -28.11 3.92
CA ALA F 98 5.23 -28.23 4.86
C ALA F 98 5.67 -28.97 6.10
N ILE F 99 4.96 -28.74 7.20
CA ILE F 99 5.28 -29.41 8.45
C ILE F 99 4.01 -29.96 9.09
N GLU F 100 4.13 -31.12 9.71
CA GLU F 100 3.06 -31.72 10.51
C GLU F 100 3.55 -31.88 11.94
N LEU F 101 2.81 -31.26 12.87
CA LEU F 101 2.97 -31.45 14.31
C LEU F 101 1.89 -32.33 14.88
N SER F 102 2.28 -33.36 15.63
CA SER F 102 1.36 -34.35 16.17
C SER F 102 2.11 -35.16 17.26
N ALA G 1 -26.03 -6.79 17.67
CA ALA G 1 -25.08 -7.68 16.96
C ALA G 1 -25.08 -9.09 17.58
N PRO G 2 -24.60 -10.09 16.85
CA PRO G 2 -24.40 -11.42 17.39
C PRO G 2 -23.53 -11.37 18.63
N GLN G 3 -23.80 -12.22 19.59
CA GLN G 3 -22.99 -12.23 20.79
C GLN G 3 -22.34 -13.55 21.11
N ASN G 4 -22.46 -14.51 20.20
CA ASN G 4 -21.77 -15.77 20.35
C ASN G 4 -21.58 -16.44 19.03
N ILE G 5 -20.85 -17.53 19.00
CA ILE G 5 -20.54 -18.19 17.74
C ILE G 5 -21.79 -18.72 16.99
N THR G 6 -22.82 -19.14 17.71
CA THR G 6 -24.01 -19.68 17.07
C THR G 6 -24.71 -18.56 16.31
N GLU G 7 -24.87 -17.39 16.96
CA GLU G 7 -25.48 -16.23 16.29
C GLU G 7 -24.64 -15.72 15.14
N LEU G 8 -23.31 -15.71 15.29
CA LEU G 8 -22.44 -15.27 14.22
C LEU G 8 -22.53 -16.17 13.01
N CYS G 9 -22.62 -17.48 13.27
CA CYS G 9 -22.52 -18.47 12.22
C CYS G 9 -23.70 -18.37 11.22
N SER G 10 -24.88 -18.00 11.74
CA SER G 10 -26.09 -17.83 10.97
C SER G 10 -26.05 -16.62 10.03
N GLU G 11 -25.11 -15.68 10.24
CA GLU G 11 -24.95 -14.51 9.38
C GLU G 11 -24.23 -14.85 8.08
N TYR G 12 -23.43 -15.90 8.05
CA TYR G 12 -22.72 -16.28 6.83
C TYR G 12 -23.63 -17.13 5.93
N HIS G 13 -23.23 -17.25 4.68
CA HIS G 13 -23.84 -18.21 3.77
C HIS G 13 -23.05 -19.49 3.83
N ASN G 14 -23.75 -20.61 3.70
CA ASN G 14 -23.17 -21.93 3.58
C ASN G 14 -22.31 -22.33 4.74
N THR G 15 -22.75 -22.01 5.97
CA THR G 15 -22.02 -22.46 7.14
C THR G 15 -22.82 -23.38 8.05
N GLN G 16 -22.08 -24.04 8.94
CA GLN G 16 -22.64 -24.83 10.03
C GLN G 16 -21.77 -24.72 11.27
N ILE G 17 -22.34 -25.08 12.42
CA ILE G 17 -21.59 -25.20 13.65
C ILE G 17 -21.09 -26.63 13.77
N TYR G 18 -19.85 -26.79 14.25
CA TYR G 18 -19.27 -28.07 14.62
C TYR G 18 -18.88 -28.06 16.09
N GLU G 19 -19.54 -28.93 16.86
CA GLU G 19 -19.31 -29.01 18.29
C GLU G 19 -18.19 -30.01 18.62
N LEU G 20 -17.11 -29.48 19.17
CA LEU G 20 -15.89 -30.24 19.35
C LEU G 20 -15.60 -30.61 20.81
N ASN G 21 -15.25 -29.63 21.64
CA ASN G 21 -14.82 -29.87 23.04
C ASN G 21 -13.58 -30.77 23.08
N LYS G 22 -12.59 -30.49 22.20
CA LYS G 22 -11.38 -31.30 22.11
C LYS G 22 -10.17 -30.42 21.79
N GLU G 23 -8.98 -30.92 22.13
CA GLU G 23 -7.75 -30.24 21.76
C GLU G 23 -7.37 -30.69 20.35
N ILE G 24 -6.59 -29.85 19.66
CA ILE G 24 -6.20 -30.11 18.29
C ILE G 24 -5.18 -31.25 18.36
N LYS G 25 -5.41 -32.30 17.59
CA LYS G 25 -4.53 -33.47 17.59
C LYS G 25 -3.35 -33.27 16.64
N THR G 26 -3.65 -32.68 15.48
CA THR G 26 -2.68 -32.56 14.40
C THR G 26 -2.80 -31.17 13.77
N TYR G 27 -1.64 -30.53 13.65
CA TYR G 27 -1.49 -29.22 13.04
C TYR G 27 -0.55 -29.36 11.84
N THR G 28 -1.02 -28.93 10.69
CA THR G 28 -0.26 -28.99 9.45
C THR G 28 -0.23 -27.62 8.80
N GLU G 29 0.98 -27.21 8.41
CA GLU G 29 1.20 -25.90 7.82
C GLU G 29 2.06 -26.06 6.57
N SER G 30 1.66 -25.39 5.50
CA SER G 30 2.34 -25.49 4.23
C SER G 30 2.60 -24.11 3.65
N LEU G 31 3.78 -23.93 3.06
CA LEU G 31 4.14 -22.67 2.37
C LEU G 31 4.27 -22.86 0.84
N ALA G 32 4.03 -24.09 0.41
CA ALA G 32 3.68 -24.46 -0.97
C ALA G 32 4.39 -25.76 -1.34
N GLU G 36 0.90 -20.10 3.68
CA GLU G 36 -0.40 -20.42 3.09
C GLU G 36 -1.09 -21.49 3.95
N MET G 37 -1.35 -22.69 3.41
CA MET G 37 -2.35 -23.58 4.00
C MET G 37 -2.08 -24.03 5.44
N VAL G 38 -3.09 -23.89 6.30
CA VAL G 38 -3.09 -24.45 7.66
C VAL G 38 -4.29 -25.41 7.77
N ILE G 39 -4.01 -26.64 8.22
CA ILE G 39 -5.00 -27.69 8.39
C ILE G 39 -4.89 -28.21 9.81
N ILE G 40 -6.04 -28.44 10.44
CA ILE G 40 -6.06 -28.93 11.80
C ILE G 40 -6.97 -30.14 11.83
N SER G 41 -6.63 -31.08 12.70
CA SER G 41 -7.39 -32.31 12.84
C SER G 41 -7.49 -32.69 14.29
N PHE G 42 -8.58 -33.39 14.58
CA PHE G 42 -8.90 -33.83 15.93
C PHE G 42 -8.96 -35.37 15.97
N ALA G 43 -8.96 -35.90 17.17
CA ALA G 43 -8.87 -37.34 17.40
C ALA G 43 -9.92 -38.15 16.62
N ASN G 44 -11.14 -37.65 16.52
CA ASN G 44 -12.19 -38.35 15.74
C ASN G 44 -12.03 -38.37 14.21
N GLY G 45 -11.00 -37.72 13.69
CA GLY G 45 -10.84 -37.59 12.24
C GLY G 45 -11.40 -36.29 11.63
N ALA G 46 -12.07 -35.47 12.44
CA ALA G 46 -12.60 -34.19 11.96
C ALA G 46 -11.43 -33.30 11.49
N THR G 47 -11.50 -32.82 10.26
CA THR G 47 -10.43 -32.09 9.63
C THR G 47 -10.91 -30.77 9.05
N PHE G 48 -10.18 -29.68 9.34
CA PHE G 48 -10.56 -28.38 8.83
C PHE G 48 -9.37 -27.61 8.30
N GLN G 49 -9.62 -26.75 7.31
CA GLN G 49 -8.63 -25.86 6.77
C GLN G 49 -8.95 -24.39 7.05
N VAL G 50 -7.91 -23.56 7.06
CA VAL G 50 -8.06 -22.12 7.04
C VAL G 50 -8.33 -21.62 5.63
N GLU G 51 -9.19 -20.62 5.50
CA GLU G 51 -9.55 -20.10 4.22
C GLU G 51 -8.40 -19.38 3.50
N VAL G 52 -8.65 -19.01 2.25
CA VAL G 52 -7.67 -18.29 1.46
C VAL G 52 -8.13 -16.85 1.29
N PRO G 53 -7.18 -15.90 1.21
CA PRO G 53 -7.60 -14.51 1.14
C PRO G 53 -8.46 -14.23 -0.08
N GLY G 54 -9.48 -13.43 0.11
CA GLY G 54 -10.36 -13.02 -0.96
C GLY G 54 -11.52 -13.95 -1.26
N SER G 55 -11.64 -15.04 -0.50
CA SER G 55 -12.73 -16.02 -0.68
C SER G 55 -13.99 -15.70 0.11
N GLN G 56 -15.03 -16.51 -0.15
CA GLN G 56 -16.29 -16.41 0.58
C GLN G 56 -16.88 -14.98 0.54
N HIS G 57 -17.13 -14.47 -0.65
CA HIS G 57 -17.73 -13.14 -0.80
C HIS G 57 -16.90 -12.04 -0.09
N LEU G 58 -15.58 -12.24 -0.06
CA LEU G 58 -14.65 -11.31 0.56
C LEU G 58 -14.77 -11.29 2.09
N GLU G 59 -15.50 -12.24 2.66
CA GLU G 59 -15.55 -12.40 4.12
C GLU G 59 -14.22 -12.84 4.71
N SER G 60 -13.42 -13.51 3.88
CA SER G 60 -12.10 -13.99 4.21
C SER G 60 -10.99 -13.11 3.59
N GLN G 61 -10.22 -12.42 4.41
CA GLN G 61 -9.12 -11.55 3.89
C GLN G 61 -7.79 -11.82 4.60
N LYS G 62 -6.69 -11.38 4.00
CA LYS G 62 -5.37 -11.77 4.46
C LYS G 62 -5.08 -11.49 5.93
N ARG G 63 -5.33 -10.30 6.43
CA ARG G 63 -4.90 -10.01 7.81
C ARG G 63 -5.69 -10.75 8.86
N PRO G 64 -7.02 -10.77 8.72
CA PRO G 64 -7.80 -11.61 9.66
C PRO G 64 -7.38 -13.09 9.65
N LEU G 65 -7.06 -13.62 8.48
CA LEU G 65 -6.68 -15.01 8.37
C LEU G 65 -5.38 -15.31 9.07
N GLU G 66 -4.43 -14.37 8.99
CA GLU G 66 -3.16 -14.47 9.68
C GLU G 66 -3.41 -14.55 11.18
N ARG G 67 -4.29 -13.71 11.66
CA ARG G 67 -4.63 -13.73 13.09
C ARG G 67 -5.26 -15.08 13.47
N MET G 68 -6.15 -15.57 12.64
CA MET G 68 -6.76 -16.88 12.90
C MET G 68 -5.74 -18.02 12.88
N LYS G 69 -4.81 -17.96 11.94
CA LYS G 69 -3.73 -18.96 11.92
C LYS G 69 -2.92 -18.92 13.20
N ASP G 70 -2.66 -17.71 13.70
CA ASP G 70 -1.94 -17.55 14.96
C ASP G 70 -2.68 -18.22 16.14
N THR G 71 -3.97 -17.96 16.18
CA THR G 71 -4.82 -18.54 17.24
C THR G 71 -4.85 -20.04 17.21
N LEU G 72 -5.04 -20.60 16.02
CA LEU G 72 -5.07 -22.06 15.88
C LEU G 72 -3.75 -22.71 16.25
N ARG G 73 -2.65 -22.12 15.79
CA ARG G 73 -1.34 -22.65 16.17
C ARG G 73 -1.08 -22.58 17.69
N ALA G 74 -1.42 -21.46 18.33
CA ALA G 74 -1.36 -21.35 19.81
C ALA G 74 -2.20 -22.42 20.54
N ALA G 75 -3.42 -22.60 20.05
CA ALA G 75 -4.33 -23.65 20.59
C ALA G 75 -3.63 -25.01 20.52
N TYR G 76 -3.06 -25.32 19.35
CA TYR G 76 -2.39 -26.60 19.19
C TYR G 76 -1.25 -26.75 20.21
N PHE G 77 -0.37 -25.75 20.29
CA PHE G 77 0.82 -25.84 21.14
C PHE G 77 0.49 -25.92 22.63
N THR G 78 -0.58 -25.27 23.02
CA THR G 78 -0.93 -25.20 24.45
C THR G 78 -1.90 -26.31 24.89
N GLY G 79 -2.43 -27.05 23.94
CA GLY G 79 -3.42 -28.08 24.22
C GLY G 79 -4.77 -27.58 24.72
N ILE G 80 -5.14 -26.34 24.43
CA ILE G 80 -6.40 -25.87 24.94
C ILE G 80 -7.54 -26.40 24.07
N LYS G 81 -8.70 -26.57 24.69
CA LYS G 81 -9.85 -27.11 23.98
C LYS G 81 -10.52 -26.11 23.06
N VAL G 82 -10.81 -26.56 21.85
CA VAL G 82 -11.70 -25.89 20.95
C VAL G 82 -13.14 -26.37 21.29
N SER G 83 -13.98 -25.41 21.62
CA SER G 83 -15.34 -25.69 22.01
C SER G 83 -16.17 -25.94 20.75
N LYS G 84 -16.23 -24.94 19.87
CA LYS G 84 -16.99 -25.02 18.64
C LYS G 84 -16.22 -24.33 17.49
N LEU G 85 -16.45 -24.79 16.27
CA LEU G 85 -16.10 -24.03 15.05
C LEU G 85 -17.34 -23.65 14.29
N CYS G 86 -17.31 -22.48 13.65
CA CYS G 86 -18.26 -22.18 12.57
C CYS G 86 -17.52 -22.45 11.28
N VAL G 87 -18.02 -23.37 10.45
CA VAL G 87 -17.32 -23.79 9.26
C VAL G 87 -18.17 -23.68 7.98
N TRP G 88 -17.52 -23.31 6.87
CA TRP G 88 -18.13 -23.26 5.57
C TRP G 88 -18.16 -24.69 4.98
N ASN G 89 -19.29 -25.07 4.43
CA ASN G 89 -19.44 -26.45 3.92
C ASN G 89 -19.27 -26.56 2.40
N ASN G 90 -18.94 -25.43 1.76
CA ASN G 90 -18.73 -25.39 0.30
C ASN G 90 -17.27 -25.68 -0.11
N LYS G 91 -16.46 -26.14 0.85
CA LYS G 91 -15.08 -26.55 0.66
C LYS G 91 -14.86 -27.90 1.35
N THR G 92 -13.89 -28.66 0.86
CA THR G 92 -13.45 -29.88 1.51
C THR G 92 -11.93 -29.85 1.65
N PRO G 93 -11.41 -30.00 2.88
CA PRO G 93 -12.10 -29.98 4.18
C PRO G 93 -12.86 -28.67 4.32
N ASN G 94 -13.89 -28.67 5.14
CA ASN G 94 -14.64 -27.48 5.46
C ASN G 94 -13.66 -26.43 6.01
N SER G 95 -13.92 -25.17 5.71
CA SER G 95 -13.02 -24.09 6.07
C SER G 95 -13.58 -23.29 7.26
N ILE G 96 -12.68 -22.70 8.03
CA ILE G 96 -13.06 -22.07 9.32
C ILE G 96 -13.49 -20.63 9.16
N ALA G 97 -14.74 -20.33 9.53
CA ALA G 97 -15.20 -18.98 9.62
C ALA G 97 -15.02 -18.39 11.02
N ALA G 98 -15.21 -19.22 12.05
CA ALA G 98 -15.17 -18.73 13.42
C ALA G 98 -14.77 -19.83 14.37
N ILE G 99 -14.15 -19.41 15.47
CA ILE G 99 -13.62 -20.26 16.49
C ILE G 99 -14.14 -19.86 17.85
N GLU G 100 -14.59 -20.83 18.64
CA GLU G 100 -14.94 -20.61 20.04
C GLU G 100 -14.07 -21.46 20.97
N LEU G 101 -13.43 -20.78 21.90
CA LEU G 101 -12.64 -21.44 22.90
C LEU G 101 -13.32 -21.31 24.26
N SER G 102 -13.53 -22.46 24.91
CA SER G 102 -14.12 -22.55 26.25
CA SER G 102 -14.03 -22.51 26.29
C SER G 102 -13.72 -23.88 26.92
N ALA H 1 -1.46 12.95 31.20
CA ALA H 1 -2.51 11.93 30.92
C ALA H 1 -2.94 11.21 32.21
N PRO H 2 -4.19 10.75 32.25
CA PRO H 2 -4.66 10.02 33.42
C PRO H 2 -3.90 8.71 33.59
N GLN H 3 -3.71 8.27 34.82
CA GLN H 3 -2.85 7.12 35.05
C GLN H 3 -3.59 5.88 35.51
N ASN H 4 -4.91 5.93 35.41
CA ASN H 4 -5.76 4.81 35.81
C ASN H 4 -6.94 4.74 34.87
N ILE H 5 -7.55 3.56 34.81
CA ILE H 5 -8.59 3.27 33.84
C ILE H 5 -9.90 4.02 34.13
N THR H 6 -10.17 4.29 35.41
CA THR H 6 -11.38 5.05 35.77
C THR H 6 -11.39 6.42 35.18
N GLU H 7 -10.27 7.16 35.31
CA GLU H 7 -10.22 8.51 34.76
C GLU H 7 -10.11 8.50 33.26
N LEU H 8 -9.35 7.57 32.70
CA LEU H 8 -9.28 7.42 31.26
C LEU H 8 -10.68 7.25 30.70
N CYS H 9 -11.47 6.38 31.31
CA CYS H 9 -12.84 6.10 30.85
C CYS H 9 -13.67 7.40 30.79
N SER H 10 -13.52 8.23 31.83
CA SER H 10 -14.22 9.52 31.90
CA SER H 10 -14.24 9.51 31.89
C SER H 10 -13.94 10.45 30.72
N GLU H 11 -12.84 10.22 30.01
CA GLU H 11 -12.47 11.06 28.85
C GLU H 11 -13.07 10.65 27.50
N TYR H 12 -13.75 9.51 27.47
CA TYR H 12 -14.54 9.10 26.32
C TYR H 12 -16.00 9.52 26.53
N HIS H 13 -16.76 9.55 25.43
CA HIS H 13 -18.21 9.78 25.45
C HIS H 13 -18.97 8.46 25.51
N ASN H 14 -19.96 8.39 26.39
CA ASN H 14 -20.89 7.25 26.48
C ASN H 14 -20.20 5.95 26.88
N THR H 15 -19.30 6.02 27.84
CA THR H 15 -18.57 4.84 28.33
C THR H 15 -18.92 4.59 29.78
N GLN H 16 -18.62 3.40 30.27
CA GLN H 16 -18.65 3.14 31.69
C GLN H 16 -17.65 2.08 32.10
N ILE H 17 -17.35 2.02 33.41
CA ILE H 17 -16.49 0.97 33.96
C ILE H 17 -17.33 -0.24 34.38
N TYR H 18 -16.84 -1.45 34.07
CA TYR H 18 -17.36 -2.67 34.69
C TYR H 18 -16.23 -3.29 35.46
N GLU H 19 -16.46 -3.52 36.74
CA GLU H 19 -15.48 -4.15 37.57
C GLU H 19 -15.83 -5.63 37.57
N LEU H 20 -14.86 -6.46 37.18
CA LEU H 20 -15.08 -7.89 36.94
C LEU H 20 -14.30 -8.76 37.91
N ASN H 21 -12.99 -8.55 37.96
CA ASN H 21 -12.11 -9.39 38.77
C ASN H 21 -12.35 -10.92 38.51
N LYS H 22 -12.44 -11.30 37.25
CA LYS H 22 -12.50 -12.68 36.91
C LYS H 22 -11.97 -13.00 35.54
N GLU H 23 -11.75 -14.30 35.34
CA GLU H 23 -11.16 -14.74 34.10
C GLU H 23 -12.20 -14.88 33.01
N ILE H 24 -11.74 -14.72 31.78
CA ILE H 24 -12.62 -14.86 30.64
C ILE H 24 -13.06 -16.33 30.50
N LYS H 25 -14.36 -16.56 30.39
CA LYS H 25 -14.91 -17.92 30.28
C LYS H 25 -14.91 -18.42 28.84
N THR H 26 -15.29 -17.53 27.90
CA THR H 26 -15.30 -17.87 26.49
C THR H 26 -14.65 -16.75 25.65
N TYR H 27 -13.91 -17.19 24.65
CA TYR H 27 -13.27 -16.32 23.67
C TYR H 27 -13.70 -16.85 22.30
N THR H 28 -14.23 -15.94 21.50
CA THR H 28 -14.75 -16.21 20.15
C THR H 28 -14.09 -15.24 19.15
N GLU H 29 -13.62 -15.78 18.03
CA GLU H 29 -13.12 -14.95 16.93
C GLU H 29 -13.69 -15.42 15.62
N SER H 30 -14.09 -14.45 14.78
CA SER H 30 -14.70 -14.72 13.47
C SER H 30 -14.15 -13.81 12.38
N LEU H 31 -14.12 -14.34 11.15
CA LEU H 31 -13.77 -13.55 9.95
C LEU H 31 -14.89 -12.58 9.60
N ALA H 32 -14.57 -11.33 9.42
CA ALA H 32 -15.56 -10.30 9.15
C ALA H 32 -15.01 -9.32 8.10
N GLY H 33 -14.57 -9.88 6.97
CA GLY H 33 -13.95 -9.13 5.87
C GLY H 33 -12.57 -8.60 6.22
N TYR H 34 -12.44 -7.27 6.32
CA TYR H 34 -11.11 -6.66 6.54
C TYR H 34 -10.61 -6.88 7.96
N ARG H 35 -11.52 -7.30 8.85
CA ARG H 35 -11.19 -7.47 10.23
C ARG H 35 -11.77 -8.75 10.80
N GLU H 36 -11.18 -9.22 11.90
CA GLU H 36 -11.78 -10.27 12.72
C GLU H 36 -12.62 -9.69 13.84
N MET H 37 -13.76 -10.31 14.11
CA MET H 37 -14.56 -9.94 15.25
C MET H 37 -14.03 -10.73 16.40
N VAL H 38 -13.96 -10.14 17.59
CA VAL H 38 -13.50 -10.82 18.79
C VAL H 38 -14.48 -10.49 19.93
N ILE H 39 -15.05 -11.54 20.52
CA ILE H 39 -16.07 -11.48 21.58
C ILE H 39 -15.57 -12.28 22.75
N ILE H 40 -15.68 -11.69 23.93
CA ILE H 40 -15.37 -12.41 25.12
C ILE H 40 -16.62 -12.40 26.01
N SER H 41 -16.80 -13.42 26.82
CA SER H 41 -17.87 -13.40 27.80
C SER H 41 -17.39 -13.99 29.11
N PHE H 42 -18.07 -13.60 30.19
CA PHE H 42 -17.71 -14.05 31.52
C PHE H 42 -18.80 -14.97 32.09
N ALA H 43 -18.48 -15.63 33.19
CA ALA H 43 -19.42 -16.59 33.87
C ALA H 43 -20.80 -16.04 34.25
N ASN H 44 -20.91 -14.74 34.49
CA ASN H 44 -22.22 -14.10 34.78
C ASN H 44 -22.97 -13.69 33.52
N GLY H 45 -22.44 -14.05 32.36
CA GLY H 45 -23.05 -13.69 31.09
C GLY H 45 -22.62 -12.39 30.44
N ALA H 46 -21.85 -11.55 31.13
CA ALA H 46 -21.40 -10.28 30.55
C ALA H 46 -20.53 -10.59 29.31
N THR H 47 -20.92 -9.97 28.20
CA THR H 47 -20.34 -10.19 26.89
CA THR H 47 -20.30 -10.20 26.90
C THR H 47 -19.82 -8.87 26.33
N PHE H 48 -18.63 -8.89 25.76
CA PHE H 48 -17.96 -7.69 25.25
C PHE H 48 -17.23 -8.00 23.96
N GLN H 49 -17.05 -7.01 23.12
CA GLN H 49 -16.26 -7.20 21.91
C GLN H 49 -15.23 -6.10 21.70
N VAL H 50 -14.36 -6.31 20.72
CA VAL H 50 -13.44 -5.29 20.25
C VAL H 50 -13.94 -4.72 18.94
N GLU H 51 -14.38 -3.50 18.97
CA GLU H 51 -14.91 -2.88 17.76
C GLU H 51 -15.15 -1.41 18.01
N VAL H 52 -14.82 -0.58 17.02
CA VAL H 52 -14.86 0.88 17.25
C VAL H 52 -16.29 1.36 17.19
N PRO H 53 -16.73 2.07 18.22
CA PRO H 53 -18.12 2.47 18.19
C PRO H 53 -18.31 3.48 17.07
N LYS H 62 -6.50 1.09 14.19
CA LYS H 62 -6.30 -0.20 13.51
C LYS H 62 -5.30 -1.10 14.24
N ARG H 63 -4.07 -0.61 14.36
CA ARG H 63 -3.02 -1.32 15.07
C ARG H 63 -3.40 -1.48 16.53
N PRO H 64 -3.94 -0.41 17.14
CA PRO H 64 -4.33 -0.56 18.54
C PRO H 64 -5.46 -1.59 18.73
N LEU H 65 -6.37 -1.67 17.76
CA LEU H 65 -7.51 -2.60 17.85
C LEU H 65 -7.00 -4.03 17.84
N GLU H 66 -6.05 -4.28 16.96
CA GLU H 66 -5.33 -5.53 16.92
C GLU H 66 -4.63 -5.88 18.24
N ARG H 67 -4.00 -4.89 18.86
CA ARG H 67 -3.30 -5.09 20.13
C ARG H 67 -4.29 -5.51 21.21
N MET H 68 -5.44 -4.82 21.30
CA MET H 68 -6.49 -5.18 22.25
CA MET H 68 -6.48 -5.19 22.25
C MET H 68 -6.98 -6.63 22.04
N LYS H 69 -7.20 -6.99 20.79
CA LYS H 69 -7.62 -8.35 20.48
C LYS H 69 -6.60 -9.38 20.99
N ASP H 70 -5.32 -9.10 20.77
CA ASP H 70 -4.25 -9.98 21.26
C ASP H 70 -4.17 -10.05 22.79
N THR H 71 -4.41 -8.94 23.46
CA THR H 71 -4.45 -8.92 24.92
C THR H 71 -5.58 -9.78 25.49
N LEU H 72 -6.77 -9.70 24.90
CA LEU H 72 -7.92 -10.53 25.31
C LEU H 72 -7.71 -12.01 25.02
N ARG H 73 -7.15 -12.35 23.85
CA ARG H 73 -6.79 -13.74 23.56
C ARG H 73 -5.77 -14.30 24.54
N ALA H 74 -4.72 -13.54 24.82
CA ALA H 74 -3.69 -13.96 25.80
C ALA H 74 -4.28 -14.14 27.18
N ALA H 75 -5.13 -13.19 27.60
CA ALA H 75 -5.85 -13.30 28.88
C ALA H 75 -6.66 -14.60 28.93
N TYR H 76 -7.37 -14.91 27.85
CA TYR H 76 -8.15 -16.14 27.79
C TYR H 76 -7.20 -17.33 27.94
N PHE H 77 -6.13 -17.38 27.13
CA PHE H 77 -5.27 -18.57 27.10
C PHE H 77 -4.64 -18.85 28.45
N THR H 78 -4.30 -17.79 29.18
CA THR H 78 -3.51 -17.90 30.40
C THR H 78 -4.39 -17.97 31.64
N GLY H 79 -5.69 -17.68 31.49
CA GLY H 79 -6.62 -17.59 32.62
C GLY H 79 -6.36 -16.45 33.56
N ILE H 80 -5.76 -15.38 33.06
CA ILE H 80 -5.45 -14.20 33.84
C ILE H 80 -6.74 -13.44 34.14
N LYS H 81 -6.82 -12.84 35.31
CA LYS H 81 -8.02 -12.16 35.73
C LYS H 81 -8.10 -10.79 35.06
N VAL H 82 -9.28 -10.46 34.50
CA VAL H 82 -9.57 -9.12 34.06
C VAL H 82 -10.16 -8.39 35.27
N SER H 83 -9.48 -7.31 35.69
CA SER H 83 -9.91 -6.46 36.79
C SER H 83 -11.06 -5.58 36.35
N LYS H 84 -10.79 -4.69 35.41
CA LYS H 84 -11.81 -3.76 34.92
C LYS H 84 -11.84 -3.64 33.42
N LEU H 85 -13.03 -3.34 32.88
CA LEU H 85 -13.17 -2.87 31.48
C LEU H 85 -13.85 -1.51 31.42
N CYS H 86 -13.34 -0.64 30.57
CA CYS H 86 -14.08 0.52 30.16
C CYS H 86 -14.73 0.16 28.85
N VAL H 87 -16.04 0.20 28.79
CA VAL H 87 -16.77 -0.13 27.59
C VAL H 87 -17.73 0.99 27.20
N TRP H 88 -17.99 1.05 25.90
CA TRP H 88 -18.99 1.93 25.34
C TRP H 88 -20.34 1.26 25.51
N ASN H 89 -21.37 2.06 25.69
CA ASN H 89 -22.71 1.54 25.85
C ASN H 89 -23.50 1.48 24.54
N ASN H 90 -22.81 1.34 23.43
CA ASN H 90 -23.47 1.12 22.15
C ASN H 90 -24.20 -0.26 22.03
N LYS H 91 -23.47 -1.26 21.57
CA LYS H 91 -24.11 -2.49 21.16
C LYS H 91 -24.05 -3.37 22.33
N THR H 92 -24.93 -4.35 22.40
CA THR H 92 -24.46 -5.57 22.97
C THR H 92 -23.95 -6.35 21.77
N PRO H 93 -22.77 -6.98 21.90
CA PRO H 93 -21.86 -6.83 23.03
C PRO H 93 -21.22 -5.44 23.04
N ASN H 94 -21.07 -4.84 24.23
CA ASN H 94 -20.47 -3.50 24.35
C ASN H 94 -19.03 -3.50 23.85
N SER H 95 -18.64 -2.44 23.16
CA SER H 95 -17.27 -2.30 22.63
C SER H 95 -16.31 -1.93 23.78
N ILE H 96 -15.10 -2.49 23.77
CA ILE H 96 -14.11 -2.25 24.80
C ILE H 96 -13.23 -1.06 24.40
N ALA H 97 -13.15 -0.07 25.29
CA ALA H 97 -12.29 1.11 25.11
C ALA H 97 -10.96 0.93 25.88
N ALA H 98 -11.00 0.23 26.99
CA ALA H 98 -9.81 0.05 27.80
C ALA H 98 -9.96 -1.19 28.64
N ILE H 99 -8.82 -1.79 28.98
CA ILE H 99 -8.75 -2.90 29.89
C ILE H 99 -7.69 -2.70 30.98
N GLU H 100 -8.05 -3.17 32.18
CA GLU H 100 -7.14 -3.29 33.30
C GLU H 100 -7.00 -4.74 33.78
N LEU H 101 -5.76 -5.20 33.87
CA LEU H 101 -5.43 -6.50 34.35
C LEU H 101 -4.70 -6.32 35.67
N SER H 102 -5.16 -6.97 36.73
CA SER H 102 -4.49 -6.89 38.03
C SER H 102 -4.79 -8.17 38.79
N ALA I 1 29.29 2.03 21.70
CA ALA I 1 27.83 2.14 21.92
C ALA I 1 27.56 1.80 23.38
N PRO I 2 26.53 2.43 23.96
CA PRO I 2 26.19 2.16 25.36
C PRO I 2 25.97 0.67 25.61
N GLN I 3 26.36 0.22 26.78
CA GLN I 3 26.42 -1.19 27.13
C GLN I 3 25.31 -1.64 28.10
N ASN I 4 24.63 -0.69 28.73
CA ASN I 4 23.63 -1.00 29.73
C ASN I 4 22.67 0.16 29.88
N ILE I 5 21.62 -0.04 30.67
CA ILE I 5 20.57 0.98 30.76
C ILE I 5 21.05 2.31 31.37
N THR I 6 22.04 2.25 32.26
CA THR I 6 22.52 3.50 32.92
C THR I 6 23.18 4.37 31.85
N GLU I 7 23.99 3.73 30.99
CA GLU I 7 24.69 4.42 29.92
C GLU I 7 23.71 4.97 28.89
N LEU I 8 22.74 4.14 28.50
CA LEU I 8 21.68 4.59 27.57
C LEU I 8 20.91 5.75 28.17
N CYS I 9 20.60 5.69 29.45
CA CYS I 9 19.72 6.70 30.05
C CYS I 9 20.39 8.08 30.06
N SER I 10 21.71 8.12 30.17
CA SER I 10 22.49 9.38 30.06
C SER I 10 22.46 10.07 28.70
N GLU I 11 22.03 9.37 27.66
CA GLU I 11 22.01 9.92 26.32
C GLU I 11 20.77 10.73 26.03
N TYR I 12 19.72 10.51 26.82
CA TYR I 12 18.45 11.19 26.64
C TYR I 12 18.46 12.43 27.54
N HIS I 13 17.55 13.34 27.26
CA HIS I 13 17.35 14.54 28.06
C HIS I 13 16.16 14.33 28.97
N ASN I 14 16.23 14.86 30.20
CA ASN I 14 15.09 14.86 31.14
C ASN I 14 14.68 13.44 31.52
N THR I 15 15.68 12.59 31.76
CA THR I 15 15.39 11.20 32.12
C THR I 15 16.04 10.84 33.41
N GLN I 16 15.49 9.82 34.05
CA GLN I 16 16.11 9.26 35.22
C GLN I 16 15.86 7.76 35.33
N ILE I 17 16.67 7.08 36.14
CA ILE I 17 16.52 5.64 36.34
C ILE I 17 15.71 5.36 37.61
N TYR I 18 14.70 4.50 37.47
CA TYR I 18 13.96 3.94 38.60
C TYR I 18 14.44 2.51 38.72
N GLU I 19 15.00 2.14 39.86
CA GLU I 19 15.36 0.77 40.13
C GLU I 19 14.21 0.13 40.91
N LEU I 20 13.60 -0.88 40.33
CA LEU I 20 12.37 -1.41 40.89
C LEU I 20 12.57 -2.82 41.39
N ASN I 21 13.18 -3.70 40.60
CA ASN I 21 13.31 -5.13 40.95
C ASN I 21 12.03 -5.80 41.41
N LYS I 22 10.98 -5.59 40.63
CA LYS I 22 9.66 -6.11 40.93
C LYS I 22 8.89 -6.49 39.70
N GLU I 23 7.93 -7.38 39.86
CA GLU I 23 6.99 -7.66 38.79
C GLU I 23 5.94 -6.53 38.69
N ILE I 24 5.33 -6.44 37.53
CA ILE I 24 4.30 -5.44 37.29
C ILE I 24 3.03 -5.87 38.00
N LYS I 25 2.43 -4.98 38.79
CA LYS I 25 1.20 -5.29 39.55
C LYS I 25 -0.05 -5.06 38.72
N THR I 26 -0.08 -4.00 37.94
CA THR I 26 -1.28 -3.66 37.17
C THR I 26 -0.87 -3.23 35.79
N TYR I 27 -1.64 -3.73 34.81
CA TYR I 27 -1.44 -3.44 33.40
C TYR I 27 -2.74 -2.86 32.83
N THR I 28 -2.63 -1.68 32.23
CA THR I 28 -3.76 -0.99 31.67
C THR I 28 -3.45 -0.60 30.25
N GLU I 29 -4.41 -0.83 29.37
CA GLU I 29 -4.27 -0.57 27.98
C GLU I 29 -5.54 0.12 27.52
N SER I 30 -5.41 1.23 26.80
CA SER I 30 -6.57 1.94 26.27
C SER I 30 -6.38 2.44 24.85
N LEU I 31 -7.47 2.40 24.08
CA LEU I 31 -7.54 3.09 22.78
C LEU I 31 -7.33 4.62 22.87
N ALA I 32 -6.37 5.12 22.07
CA ALA I 32 -5.94 6.52 22.04
C ALA I 32 -5.79 7.01 20.58
N GLY I 33 -6.64 6.48 19.70
CA GLY I 33 -6.72 6.95 18.31
C GLY I 33 -5.41 7.05 17.55
N GLU I 36 -2.73 2.99 20.94
CA GLU I 36 -3.08 2.50 22.28
C GLU I 36 -2.09 3.02 23.34
N MET I 37 -2.61 3.64 24.40
CA MET I 37 -1.83 3.98 25.62
C MET I 37 -1.66 2.75 26.53
N VAL I 38 -0.46 2.58 27.07
CA VAL I 38 -0.16 1.45 27.95
C VAL I 38 0.43 1.98 29.24
N ILE I 39 -0.12 1.57 30.38
CA ILE I 39 0.24 2.04 31.71
C ILE I 39 0.54 0.83 32.55
N ILE I 40 1.66 0.87 33.25
CA ILE I 40 2.00 -0.20 34.18
C ILE I 40 2.18 0.43 35.56
N SER I 41 1.79 -0.28 36.60
CA SER I 41 2.14 0.10 37.99
C SER I 41 2.64 -1.07 38.77
N PHE I 42 3.40 -0.70 39.81
CA PHE I 42 4.11 -1.58 40.68
C PHE I 42 3.49 -1.50 42.09
N ALA I 43 3.76 -2.49 42.94
CA ALA I 43 3.12 -2.58 44.26
C ALA I 43 3.34 -1.36 45.20
N ASN I 44 4.41 -0.63 44.96
CA ASN I 44 4.76 0.57 45.75
C ASN I 44 4.10 1.81 45.19
N GLY I 45 3.37 1.62 44.12
CA GLY I 45 2.63 2.70 43.46
C GLY I 45 3.30 3.46 42.36
N ALA I 46 4.56 3.15 42.06
CA ALA I 46 5.20 3.77 40.90
C ALA I 46 4.38 3.39 39.65
N THR I 47 4.08 4.37 38.82
CA THR I 47 3.23 4.18 37.65
C THR I 47 3.88 4.85 36.46
N PHE I 48 3.92 4.15 35.31
CA PHE I 48 4.62 4.61 34.10
C PHE I 48 3.78 4.30 32.87
N GLN I 49 3.94 5.12 31.83
CA GLN I 49 3.23 4.95 30.57
C GLN I 49 4.28 4.73 29.48
N VAL I 50 3.89 4.15 28.36
CA VAL I 50 4.81 4.14 27.22
C VAL I 50 4.89 5.48 26.41
N GLU I 51 6.11 5.98 26.06
CA GLU I 51 6.29 6.99 24.94
C GLU I 51 7.32 8.13 25.05
N GLN I 61 8.80 6.55 15.58
CA GLN I 61 8.44 5.93 16.85
C GLN I 61 7.53 4.69 16.75
N LYS I 62 6.71 4.57 15.70
CA LYS I 62 5.75 3.46 15.57
C LYS I 62 6.32 2.09 15.99
N ARG I 63 7.26 1.58 15.21
CA ARG I 63 7.83 0.25 15.37
C ARG I 63 8.49 0.01 16.75
N PRO I 64 9.39 0.92 17.18
CA PRO I 64 9.99 0.74 18.51
C PRO I 64 8.95 0.74 19.65
N LEU I 65 7.94 1.61 19.53
CA LEU I 65 6.89 1.67 20.54
C LEU I 65 6.07 0.41 20.60
N GLU I 66 5.74 -0.21 19.47
CA GLU I 66 5.02 -1.47 19.51
C GLU I 66 5.89 -2.53 20.20
N ARG I 67 7.20 -2.55 19.96
CA ARG I 67 8.01 -3.58 20.58
C ARG I 67 8.00 -3.43 22.12
N MET I 68 8.18 -2.20 22.60
CA MET I 68 8.19 -1.92 24.03
CA MET I 68 8.19 -1.95 24.03
C MET I 68 6.84 -2.31 24.66
N LYS I 69 5.73 -1.99 23.98
CA LYS I 69 4.39 -2.34 24.48
C LYS I 69 4.23 -3.86 24.60
N ASP I 70 4.73 -4.58 23.59
CA ASP I 70 4.72 -6.05 23.64
C ASP I 70 5.55 -6.56 24.79
N THR I 71 6.72 -5.96 25.02
CA THR I 71 7.60 -6.43 26.10
C THR I 71 7.00 -6.27 27.49
N LEU I 72 6.41 -5.10 27.76
CA LEU I 72 5.79 -4.80 29.03
C LEU I 72 4.55 -5.70 29.23
N ARG I 73 3.75 -5.87 28.18
CA ARG I 73 2.63 -6.79 28.24
C ARG I 73 3.06 -8.23 28.59
N ALA I 74 4.06 -8.75 27.88
CA ALA I 74 4.58 -10.06 28.20
C ALA I 74 5.13 -10.15 29.62
N ALA I 75 5.89 -9.14 30.06
CA ALA I 75 6.36 -9.10 31.46
C ALA I 75 5.22 -9.25 32.47
N TYR I 76 4.13 -8.53 32.21
CA TYR I 76 2.97 -8.56 33.07
C TYR I 76 2.41 -9.99 33.16
N PHE I 77 2.14 -10.60 32.01
CA PHE I 77 1.50 -11.92 31.95
C PHE I 77 2.37 -13.01 32.55
N THR I 78 3.68 -12.86 32.48
CA THR I 78 4.62 -13.89 32.91
C THR I 78 5.18 -13.63 34.29
N GLY I 79 4.95 -12.43 34.81
CA GLY I 79 5.35 -12.10 36.14
C GLY I 79 6.86 -11.98 36.26
N ILE I 80 7.54 -11.63 35.17
CA ILE I 80 8.98 -11.56 35.25
C ILE I 80 9.36 -10.21 35.86
N LYS I 81 10.51 -10.14 36.49
CA LYS I 81 10.89 -8.96 37.21
C LYS I 81 11.39 -7.84 36.29
N VAL I 82 10.86 -6.64 36.51
CA VAL I 82 11.44 -5.43 35.92
C VAL I 82 12.52 -4.95 36.83
N SER I 83 13.74 -4.93 36.33
CA SER I 83 14.86 -4.45 37.10
C SER I 83 14.86 -2.96 37.20
N LYS I 84 14.97 -2.29 36.04
CA LYS I 84 15.12 -0.85 35.96
C LYS I 84 14.31 -0.33 34.81
N LEU I 85 13.87 0.90 34.98
CA LEU I 85 13.33 1.70 33.89
C LEU I 85 14.09 3.02 33.76
N CYS I 86 14.33 3.42 32.53
CA CYS I 86 14.78 4.78 32.23
C CYS I 86 13.53 5.51 31.76
N VAL I 87 13.19 6.60 32.41
CA VAL I 87 11.97 7.35 32.13
C VAL I 87 12.16 8.83 31.97
N TRP I 88 11.28 9.43 31.18
CA TRP I 88 11.17 10.85 30.99
C TRP I 88 10.34 11.39 32.15
N ASN I 89 10.95 12.29 32.92
CA ASN I 89 10.38 12.72 34.18
C ASN I 89 9.58 14.02 34.09
N ASN I 90 9.38 14.53 32.88
CA ASN I 90 8.58 15.72 32.63
C ASN I 90 7.24 15.33 32.04
N LYS I 91 6.75 14.11 32.34
CA LYS I 91 5.53 13.56 31.77
C LYS I 91 4.73 12.92 32.88
N THR I 92 3.42 12.85 32.67
CA THR I 92 2.47 12.37 33.68
C THR I 92 1.56 11.31 33.09
N PRO I 93 1.69 10.05 33.57
CA PRO I 93 2.76 9.57 34.42
C PRO I 93 4.09 9.59 33.65
N ASN I 94 5.19 9.29 34.32
CA ASN I 94 6.48 9.32 33.63
C ASN I 94 6.49 8.30 32.47
N SER I 95 7.13 8.68 31.36
CA SER I 95 7.16 7.92 30.13
C SER I 95 8.44 7.07 29.96
N ILE I 96 8.31 5.82 29.49
CA ILE I 96 9.45 4.89 29.50
C ILE I 96 10.33 5.05 28.25
N ALA I 97 11.63 5.27 28.45
CA ALA I 97 12.61 5.36 27.37
C ALA I 97 13.32 4.02 27.16
N ALA I 98 13.60 3.33 28.25
CA ALA I 98 14.28 2.04 28.19
C ALA I 98 13.88 1.14 29.34
N ILE I 99 14.03 -0.16 29.15
CA ILE I 99 13.74 -1.16 30.19
C ILE I 99 14.89 -2.16 30.34
N GLU I 100 15.20 -2.50 31.59
CA GLU I 100 16.12 -3.58 31.88
C GLU I 100 15.37 -4.64 32.64
N LEU I 101 15.40 -5.86 32.11
CA LEU I 101 14.90 -7.04 32.80
C LEU I 101 16.12 -7.86 33.23
N SER I 102 16.10 -8.33 34.47
CA SER I 102 17.19 -9.03 35.09
C SER I 102 16.70 -9.73 36.36
N ALA J 1 23.91 -24.82 0.55
CA ALA J 1 23.87 -23.73 1.54
C ALA J 1 24.39 -24.19 2.90
N PRO J 2 24.76 -23.25 3.77
CA PRO J 2 25.22 -23.62 5.11
C PRO J 2 24.26 -24.52 5.86
N GLN J 3 24.79 -25.43 6.67
CA GLN J 3 24.00 -26.40 7.43
C GLN J 3 24.07 -26.24 8.94
N ASN J 4 24.89 -25.33 9.41
CA ASN J 4 25.00 -25.05 10.85
C ASN J 4 25.54 -23.65 11.03
N ILE J 5 25.58 -23.17 12.28
CA ILE J 5 26.08 -21.82 12.60
C ILE J 5 27.52 -21.51 12.15
N THR J 6 28.43 -22.49 12.23
CA THR J 6 29.83 -22.25 11.80
C THR J 6 29.85 -21.94 10.25
N GLU J 7 29.19 -22.80 9.47
CA GLU J 7 29.04 -22.58 8.01
C GLU J 7 28.31 -21.28 7.68
N LEU J 8 27.32 -20.94 8.51
CA LEU J 8 26.59 -19.70 8.33
C LEU J 8 27.50 -18.49 8.66
N CYS J 9 28.27 -18.59 9.74
CA CYS J 9 29.09 -17.50 10.18
C CYS J 9 30.19 -17.15 9.15
N SER J 10 30.70 -18.16 8.45
CA SER J 10 31.69 -17.96 7.38
C SER J 10 31.13 -17.27 6.10
N GLU J 11 29.81 -17.04 6.01
CA GLU J 11 29.25 -16.22 4.94
C GLU J 11 29.27 -14.75 5.24
N TYR J 12 29.72 -14.38 6.46
CA TYR J 12 29.89 -13.00 6.87
C TYR J 12 31.35 -12.65 6.99
N HIS J 13 31.61 -11.36 6.95
CA HIS J 13 32.95 -10.80 6.99
C HIS J 13 33.27 -10.25 8.38
N ASN J 14 34.45 -10.65 8.90
CA ASN J 14 34.93 -10.24 10.21
C ASN J 14 33.93 -10.63 11.30
N THR J 15 33.47 -11.87 11.21
CA THR J 15 32.66 -12.45 12.27
C THR J 15 33.44 -13.54 12.98
N GLN J 16 33.01 -13.82 14.19
CA GLN J 16 33.51 -14.93 14.97
C GLN J 16 32.39 -15.65 15.70
N ILE J 17 32.65 -16.89 16.08
CA ILE J 17 31.68 -17.68 16.84
C ILE J 17 32.06 -17.66 18.33
N TYR J 18 31.17 -17.11 19.14
CA TYR J 18 31.36 -17.02 20.58
C TYR J 18 30.52 -18.15 21.17
N GLU J 19 31.17 -19.07 21.88
CA GLU J 19 30.45 -20.17 22.48
C GLU J 19 30.05 -19.79 23.91
N LEU J 20 28.82 -20.11 24.27
CA LEU J 20 28.23 -19.62 25.49
C LEU J 20 27.66 -20.75 26.30
N ASN J 21 26.66 -21.43 25.76
CA ASN J 21 25.91 -22.43 26.50
C ASN J 21 25.43 -21.90 27.86
N LYS J 22 24.80 -20.72 27.81
CA LYS J 22 24.27 -20.05 29.03
C LYS J 22 23.00 -19.30 28.73
N GLU J 23 22.13 -19.15 29.75
CA GLU J 23 20.98 -18.25 29.63
C GLU J 23 21.39 -16.80 29.72
N ILE J 24 20.53 -15.99 29.14
CA ILE J 24 20.76 -14.57 29.15
C ILE J 24 20.44 -14.05 30.55
N LYS J 25 21.37 -13.30 31.13
CA LYS J 25 21.19 -12.78 32.50
C LYS J 25 20.40 -11.45 32.52
N THR J 26 20.63 -10.61 31.52
CA THR J 26 19.98 -9.28 31.45
C THR J 26 19.58 -9.01 30.03
N TYR J 27 18.40 -8.43 29.90
CA TYR J 27 17.81 -8.01 28.64
C TYR J 27 17.44 -6.54 28.78
N THR J 28 17.95 -5.72 27.88
CA THR J 28 17.72 -4.28 27.91
C THR J 28 17.20 -3.86 26.55
N GLU J 29 16.13 -3.07 26.55
CA GLU J 29 15.66 -2.52 25.33
C GLU J 29 15.39 -1.04 25.47
N SER J 30 15.65 -0.30 24.43
CA SER J 30 15.63 1.14 24.52
C SER J 30 15.14 1.83 23.25
N LEU J 31 14.43 2.94 23.38
CA LEU J 31 13.95 3.71 22.24
C LEU J 31 15.07 4.48 21.55
N ALA J 32 15.18 4.28 20.24
CA ALA J 32 15.95 5.19 19.39
C ALA J 32 15.03 5.60 18.22
N GLY J 33 15.47 6.46 17.32
CA GLY J 33 14.62 6.80 16.16
C GLY J 33 14.45 5.64 15.21
N TYR J 34 13.21 5.32 14.84
CA TYR J 34 12.94 4.25 13.86
C TYR J 34 13.14 2.81 14.36
N ARG J 35 13.89 2.61 15.43
CA ARG J 35 14.06 1.25 15.96
C ARG J 35 14.47 1.24 17.43
N GLU J 36 14.24 0.13 18.10
CA GLU J 36 14.72 -0.07 19.46
C GLU J 36 16.10 -0.69 19.45
N MET J 37 16.96 -0.23 20.35
CA MET J 37 18.18 -0.92 20.61
C MET J 37 17.87 -2.09 21.54
N VAL J 38 18.48 -3.23 21.32
CA VAL J 38 18.30 -4.40 22.18
C VAL J 38 19.68 -4.92 22.55
N ILE J 39 19.92 -5.06 23.85
CA ILE J 39 21.23 -5.44 24.38
C ILE J 39 20.99 -6.59 25.33
N ILE J 40 21.77 -7.65 25.17
CA ILE J 40 21.74 -8.78 26.09
C ILE J 40 23.09 -8.96 26.71
N SER J 41 23.06 -9.46 27.93
CA SER J 41 24.27 -9.75 28.67
C SER J 41 24.20 -11.10 29.37
N PHE J 42 25.37 -11.70 29.55
CA PHE J 42 25.47 -12.97 30.23
C PHE J 42 26.17 -12.74 31.58
N ALA J 43 26.13 -13.74 32.43
CA ALA J 43 26.59 -13.58 33.84
C ALA J 43 28.09 -13.25 33.92
N ASN J 44 28.84 -13.62 32.89
CA ASN J 44 30.28 -13.33 32.82
C ASN J 44 30.61 -11.95 32.28
N GLY J 45 29.58 -11.17 31.98
CA GLY J 45 29.76 -9.82 31.48
C GLY J 45 29.74 -9.69 29.98
N ALA J 46 29.67 -10.84 29.26
CA ALA J 46 29.71 -10.79 27.80
C ALA J 46 28.45 -10.09 27.38
N THR J 47 28.59 -9.07 26.53
CA THR J 47 27.49 -8.17 26.19
C THR J 47 27.35 -8.04 24.67
N PHE J 48 26.14 -8.18 24.15
CA PHE J 48 25.88 -8.16 22.72
C PHE J 48 24.64 -7.34 22.37
N GLN J 49 24.61 -6.82 21.15
CA GLN J 49 23.51 -6.02 20.65
C GLN J 49 23.03 -6.47 19.29
N VAL J 50 21.82 -6.06 18.93
CA VAL J 50 21.28 -6.33 17.61
C VAL J 50 21.30 -5.06 16.78
N GLU J 51 22.13 -5.03 15.75
CA GLU J 51 22.24 -3.85 14.89
C GLU J 51 23.00 -4.24 13.64
N VAL J 52 22.77 -3.54 12.54
CA VAL J 52 23.66 -3.72 11.39
C VAL J 52 24.81 -2.71 11.38
N PRO J 64 14.96 -3.12 10.49
CA PRO J 64 14.40 -3.40 11.82
C PRO J 64 15.16 -4.51 12.59
N LEU J 65 15.47 -5.61 11.91
CA LEU J 65 16.08 -6.84 12.52
C LEU J 65 15.15 -7.41 13.58
N GLU J 66 13.86 -7.34 13.29
CA GLU J 66 12.83 -7.64 14.28
CA GLU J 66 12.88 -7.63 14.33
C GLU J 66 12.81 -9.11 14.71
N ARG J 67 13.08 -10.02 13.79
CA ARG J 67 13.03 -11.44 14.12
C ARG J 67 14.09 -11.85 15.16
N MET J 68 15.32 -11.39 14.95
CA MET J 68 16.40 -11.62 15.90
C MET J 68 16.08 -11.02 17.28
N LYS J 69 15.56 -9.80 17.28
CA LYS J 69 15.08 -9.13 18.53
C LYS J 69 14.02 -9.96 19.21
N ASP J 70 13.09 -10.54 18.45
CA ASP J 70 12.05 -11.36 19.03
C ASP J 70 12.63 -12.62 19.63
N THR J 71 13.58 -13.28 18.93
CA THR J 71 14.23 -14.48 19.39
C THR J 71 15.01 -14.29 20.70
N LEU J 72 15.76 -13.19 20.79
CA LEU J 72 16.56 -12.95 21.98
C LEU J 72 15.67 -12.68 23.19
N ARG J 73 14.58 -11.92 22.97
CA ARG J 73 13.64 -11.58 24.04
C ARG J 73 12.98 -12.88 24.53
N ALA J 74 12.56 -13.75 23.62
CA ALA J 74 11.93 -15.02 24.00
C ALA J 74 12.91 -15.92 24.79
N ALA J 75 14.17 -15.99 24.35
CA ALA J 75 15.23 -16.70 25.05
C ALA J 75 15.30 -16.16 26.48
N TYR J 76 15.34 -14.84 26.59
CA TYR J 76 15.42 -14.21 27.92
C TYR J 76 14.24 -14.63 28.82
N PHE J 77 13.02 -14.46 28.31
CA PHE J 77 11.83 -14.73 29.06
C PHE J 77 11.72 -16.16 29.50
N THR J 78 12.14 -17.09 28.64
CA THR J 78 11.99 -18.52 28.91
C THR J 78 13.20 -19.17 29.62
N GLY J 79 14.32 -18.45 29.73
CA GLY J 79 15.51 -19.02 30.33
C GLY J 79 16.11 -20.13 29.50
N ILE J 80 15.89 -20.15 28.20
CA ILE J 80 16.53 -21.21 27.39
C ILE J 80 17.98 -20.81 27.06
N LYS J 81 18.88 -21.80 26.99
CA LYS J 81 20.30 -21.54 26.74
C LYS J 81 20.60 -21.12 25.32
N VAL J 82 21.48 -20.14 25.21
CA VAL J 82 22.00 -19.72 23.95
C VAL J 82 23.28 -20.51 23.81
N SER J 83 23.39 -21.29 22.73
CA SER J 83 24.55 -22.17 22.56
C SER J 83 25.75 -21.38 22.01
N LYS J 84 25.54 -20.72 20.87
CA LYS J 84 26.54 -19.93 20.19
C LYS J 84 25.95 -18.69 19.59
N LEU J 85 26.77 -17.66 19.48
CA LEU J 85 26.49 -16.48 18.70
C LEU J 85 27.60 -16.25 17.67
N CYS J 86 27.17 -15.90 16.47
CA CYS J 86 28.08 -15.43 15.43
C CYS J 86 27.98 -13.92 15.50
N VAL J 87 29.10 -13.27 15.78
CA VAL J 87 29.10 -11.86 16.04
C VAL J 87 30.16 -11.12 15.22
N TRP J 88 29.87 -9.88 14.88
CA TRP J 88 30.87 -8.97 14.39
C TRP J 88 31.63 -8.49 15.62
N ASN J 89 32.84 -9.01 15.84
CA ASN J 89 33.50 -8.78 17.13
C ASN J 89 34.42 -7.57 17.11
N ASN J 90 34.21 -6.74 16.10
CA ASN J 90 34.87 -5.47 15.97
C ASN J 90 33.95 -4.38 16.53
N LYS J 91 32.63 -4.60 16.51
CA LYS J 91 31.63 -3.69 17.11
C LYS J 91 31.67 -3.74 18.67
N THR J 92 31.19 -2.71 19.36
CA THR J 92 31.07 -2.87 20.81
C THR J 92 29.90 -2.14 21.45
N PRO J 93 29.07 -2.89 22.19
CA PRO J 93 29.15 -4.35 22.25
C PRO J 93 29.06 -5.03 20.90
N ASN J 94 29.58 -6.24 20.78
CA ASN J 94 29.55 -6.96 19.52
C ASN J 94 28.10 -7.12 18.99
N SER J 95 27.94 -6.97 17.69
CA SER J 95 26.65 -7.12 17.05
C SER J 95 26.42 -8.56 16.62
N ILE J 96 25.19 -9.03 16.77
CA ILE J 96 24.85 -10.38 16.44
C ILE J 96 24.45 -10.56 14.97
N ALA J 97 25.14 -11.46 14.27
CA ALA J 97 24.75 -11.90 12.91
C ALA J 97 23.87 -13.19 12.90
N ALA J 98 24.12 -14.11 13.83
CA ALA J 98 23.35 -15.34 13.90
C ALA J 98 23.43 -15.92 15.31
N ILE J 99 22.48 -16.78 15.63
CA ILE J 99 22.35 -17.42 16.93
C ILE J 99 22.04 -18.90 16.72
N GLU J 100 22.63 -19.72 17.57
CA GLU J 100 22.27 -21.10 17.67
C GLU J 100 21.73 -21.39 19.06
N LEU J 101 20.59 -22.03 19.08
CA LEU J 101 19.97 -22.48 20.28
C LEU J 101 20.05 -23.97 20.30
N SER J 102 20.62 -24.41 21.39
CA SER J 102 20.82 -25.80 21.57
C SER J 102 20.93 -26.04 23.07
N ASN J 103 20.31 -27.12 23.39
CA ASN J 103 20.54 -27.94 24.52
C ASN J 103 19.96 -29.23 23.90
#